data_5S85
#
_entry.id   5S85
#
_cell.length_a   127.244
_cell.length_b   84.784
_cell.length_c   87.860
_cell.angle_alpha   90.000
_cell.angle_beta   131.090
_cell.angle_gamma   90.000
#
_symmetry.space_group_name_H-M   'C 1 2 1'
#
loop_
_entity.id
_entity.type
_entity.pdbx_description
1 polymer 'Activin receptor type-1'
2 non-polymer 4-methyl-3-[4-(1-methylpiperidin-4-yl)phenyl]-5-(3,4,5-trimethoxyphenyl)pyridine
3 non-polymer 1,2-ETHANEDIOL
4 non-polymer 'DIMETHYL SULFOXIDE'
5 non-polymer (3R)-1,2-oxazolidin-3-amine
6 non-polymer 'SULFATE ION'
7 water water
#
_entity_poly.entity_id   1
_entity_poly.type   'polypeptide(L)'
_entity_poly.pdbx_seq_one_letter_code
;SMQRTVARDITLLECVGKGRYGEVWRGSWQGENVAVKIFSSRDEKSWFRETELYNTVMLRHENILGFIASDMTSRHSSTQ
LWLITHYHEMGSLYDYLQLTTLDTVSCLRIVLSIASGLAHLHIEIFGTQGKPAIAHRDLKSKNILVKKNGQCCIADLGLA
VMHSQSTNQLDVGNNPRVGTKRYMAPEVLDETIQVDCFDSYKRVDIWAFGLVLWEVARRMVSNGIVEDYKPPFYDVVPND
PSFEDMRKVVCVDQQRPNIPNRWFSDPTLTSLAKLMKECWYQNPSARLTALRIKKTLTKID
;
_entity_poly.pdbx_strand_id   A,B
#
loop_
_chem_comp.id
_chem_comp.type
_chem_comp.name
_chem_comp.formula
DMS non-polymer 'DIMETHYL SULFOXIDE' 'C2 H6 O S'
EDO non-polymer 1,2-ETHANEDIOL 'C2 H6 O2'
LU8 non-polymer 4-methyl-3-[4-(1-methylpiperidin-4-yl)phenyl]-5-(3,4,5-trimethoxyphenyl)pyridine 'C27 H32 N2 O3'
SO4 non-polymer 'SULFATE ION' 'O4 S -2'
XK4 non-polymer (3R)-1,2-oxazolidin-3-amine 'C3 H8 N2 O'
#
# COMPACT_ATOMS: atom_id res chain seq x y z
N ARG A 4 8.91 -29.30 -29.12
CA ARG A 4 9.50 -27.95 -28.92
C ARG A 4 10.97 -28.10 -28.48
N THR A 5 11.85 -27.22 -28.99
CA THR A 5 13.25 -27.11 -28.52
C THR A 5 13.24 -26.20 -27.29
N VAL A 6 13.94 -26.62 -26.23
CA VAL A 6 14.14 -25.86 -24.97
C VAL A 6 15.62 -25.51 -24.91
N ALA A 7 15.95 -24.29 -25.34
CA ALA A 7 17.34 -23.77 -25.35
C ALA A 7 17.71 -23.43 -23.90
N ARG A 8 18.58 -24.24 -23.30
CA ARG A 8 18.98 -24.11 -21.88
C ARG A 8 20.44 -23.65 -21.82
N ASP A 9 21.18 -23.74 -22.91
CA ASP A 9 22.63 -23.40 -22.88
C ASP A 9 22.76 -21.94 -22.42
N ILE A 10 23.57 -21.71 -21.39
CA ILE A 10 24.02 -20.35 -20.98
C ILE A 10 25.53 -20.34 -21.21
N THR A 11 26.03 -19.34 -21.91
CA THR A 11 27.49 -19.07 -22.03
C THR A 11 27.91 -18.20 -20.85
N LEU A 12 28.81 -18.72 -20.01
CA LEU A 12 29.44 -17.93 -18.92
C LEU A 12 30.54 -17.10 -19.56
N LEU A 13 30.45 -15.78 -19.44
CA LEU A 13 31.36 -14.82 -20.10
C LEU A 13 32.30 -14.22 -19.05
N CYS A 15 33.49 -13.60 -14.83
CA CYS A 15 33.19 -13.71 -13.38
C CYS A 15 33.14 -12.31 -12.78
N VAL A 16 32.05 -11.93 -12.12
CA VAL A 16 31.88 -10.56 -11.56
C VAL A 16 31.87 -10.63 -10.04
N GLY A 17 32.06 -11.81 -9.43
CA GLY A 17 32.11 -11.92 -7.97
C GLY A 17 32.54 -13.31 -7.58
N LYS A 18 33.36 -13.42 -6.54
CA LYS A 18 33.83 -14.73 -6.02
C LYS A 18 33.99 -14.56 -4.51
N GLY A 19 33.46 -15.51 -3.74
CA GLY A 19 33.49 -15.48 -2.28
C GLY A 19 33.39 -16.88 -1.73
N ARG A 20 33.15 -16.99 -0.42
CA ARG A 20 32.83 -18.28 0.25
C ARG A 20 31.50 -18.84 -0.31
N TYR A 21 30.51 -17.98 -0.61
CA TYR A 21 29.17 -18.37 -1.14
C TYR A 21 29.33 -19.18 -2.45
N GLY A 22 30.42 -18.96 -3.19
CA GLY A 22 30.51 -19.38 -4.59
C GLY A 22 30.93 -18.22 -5.48
N GLU A 23 30.38 -18.18 -6.69
CA GLU A 23 30.77 -17.22 -7.74
C GLU A 23 29.52 -16.64 -8.41
N VAL A 24 29.62 -15.41 -8.91
CA VAL A 24 28.61 -14.84 -9.84
C VAL A 24 29.31 -14.52 -11.17
N TRP A 25 28.67 -14.93 -12.25
CA TRP A 25 29.08 -14.73 -13.64
C TRP A 25 28.07 -13.88 -14.38
N ARG A 26 28.57 -13.00 -15.22
CA ARG A 26 27.81 -12.50 -16.38
C ARG A 26 27.72 -13.63 -17.40
N GLY A 27 26.51 -13.92 -17.85
CA GLY A 27 26.25 -14.98 -18.82
C GLY A 27 25.40 -14.43 -19.93
N SER A 28 25.25 -15.23 -20.97
CA SER A 28 24.42 -14.88 -22.14
C SER A 28 23.42 -16.02 -22.34
N TRP A 29 22.15 -15.66 -22.53
CA TRP A 29 21.13 -16.63 -22.96
C TRP A 29 20.31 -15.99 -24.07
N GLN A 30 20.27 -16.59 -25.26
CA GLN A 30 19.47 -16.07 -26.40
C GLN A 30 19.78 -14.58 -26.61
N GLY A 31 21.07 -14.22 -26.53
CA GLY A 31 21.58 -12.87 -26.84
C GLY A 31 21.35 -11.86 -25.72
N GLU A 32 20.76 -12.29 -24.59
CA GLU A 32 20.39 -11.44 -23.42
C GLU A 32 21.35 -11.73 -22.27
N ASN A 33 21.83 -10.69 -21.58
CA ASN A 33 22.70 -10.87 -20.41
C ASN A 33 21.85 -11.48 -19.29
N VAL A 34 22.43 -12.41 -18.57
CA VAL A 34 21.86 -12.95 -17.33
C VAL A 34 22.99 -12.97 -16.30
N ALA A 35 22.62 -13.04 -15.02
CA ALA A 35 23.61 -13.25 -13.95
C ALA A 35 23.45 -14.69 -13.46
N VAL A 36 24.55 -15.42 -13.30
CA VAL A 36 24.53 -16.83 -12.87
C VAL A 36 25.30 -16.94 -11.58
N LYS A 37 24.61 -17.27 -10.49
CA LYS A 37 25.26 -17.55 -9.22
C LYS A 37 25.45 -19.05 -9.11
N ILE A 38 26.71 -19.46 -8.96
CA ILE A 38 27.12 -20.88 -8.83
C ILE A 38 27.46 -21.08 -7.35
N PHE A 39 26.72 -21.92 -6.65
CA PHE A 39 26.84 -22.07 -5.19
C PHE A 39 27.98 -23.03 -4.85
N SER A 40 28.75 -22.68 -3.81
CA SER A 40 29.65 -23.68 -3.18
C SER A 40 28.83 -24.75 -2.46
N SER A 41 29.36 -25.96 -2.29
CA SER A 41 28.65 -27.01 -1.52
C SER A 41 28.39 -26.50 -0.09
N ARG A 42 29.24 -25.60 0.42
CA ARG A 42 29.20 -25.03 1.79
C ARG A 42 27.94 -24.18 1.94
N ASP A 43 27.42 -23.61 0.85
CA ASP A 43 26.25 -22.71 0.93
C ASP A 43 25.07 -23.26 0.14
N GLU A 44 24.94 -24.59 0.01
CA GLU A 44 23.79 -25.19 -0.70
C GLU A 44 22.47 -24.74 -0.05
N LYS A 45 22.41 -24.55 1.27
CA LYS A 45 21.12 -24.25 1.92
C LYS A 45 20.61 -22.90 1.39
N SER A 46 21.49 -21.95 1.03
CA SER A 46 21.05 -20.65 0.45
C SER A 46 20.32 -20.91 -0.89
N TRP A 47 20.82 -21.81 -1.72
CA TRP A 47 20.12 -22.12 -3.01
C TRP A 47 18.76 -22.74 -2.68
N PHE A 48 18.73 -23.71 -1.76
CA PHE A 48 17.45 -24.38 -1.39
C PHE A 48 16.45 -23.39 -0.83
N ARG A 49 16.87 -22.46 0.03
CA ARG A 49 15.90 -21.52 0.63
C ARG A 49 15.35 -20.55 -0.43
N GLU A 50 16.20 -20.00 -1.28
CA GLU A 50 15.74 -19.06 -2.31
C GLU A 50 14.80 -19.80 -3.27
N THR A 51 15.15 -21.02 -3.62
CA THR A 51 14.35 -21.87 -4.54
C THR A 51 12.99 -22.17 -3.87
N GLU A 52 13.00 -22.59 -2.61
CA GLU A 52 11.72 -22.89 -1.91
C GLU A 52 10.84 -21.64 -1.87
N LEU A 53 11.43 -20.47 -1.63
CA LEU A 53 10.66 -19.22 -1.60
C LEU A 53 10.03 -18.94 -2.97
N TYR A 54 10.80 -18.99 -4.04
CA TYR A 54 10.30 -18.70 -5.40
C TYR A 54 9.33 -19.78 -5.89
N ASN A 55 9.41 -20.99 -5.33
CA ASN A 55 8.42 -22.05 -5.65
C ASN A 55 7.12 -21.77 -4.91
N THR A 56 7.17 -21.03 -3.81
CA THR A 56 5.99 -20.62 -3.00
C THR A 56 5.34 -19.38 -3.60
N VAL A 57 6.15 -18.38 -3.96
CA VAL A 57 5.63 -17.10 -4.47
C VAL A 57 6.61 -16.60 -5.50
N MET A 58 6.13 -16.34 -6.71
CA MET A 58 7.00 -15.81 -7.76
C MET A 58 7.06 -14.28 -7.62
N LEU A 59 8.01 -13.80 -6.80
CA LEU A 59 8.11 -12.36 -6.53
C LEU A 59 8.39 -11.65 -7.84
N ARG A 60 7.69 -10.55 -8.09
CA ARG A 60 7.93 -9.69 -9.24
C ARG A 60 7.78 -8.26 -8.80
N HIS A 61 8.89 -7.55 -8.73
CA HIS A 61 8.87 -6.15 -8.24
C HIS A 61 10.08 -5.43 -8.82
N GLU A 62 9.92 -4.19 -9.23
CA GLU A 62 11.02 -3.43 -9.86
C GLU A 62 12.23 -3.29 -8.92
N ASN A 63 12.03 -3.42 -7.61
CA ASN A 63 13.15 -3.23 -6.67
C ASN A 63 13.57 -4.54 -5.99
N ILE A 64 13.22 -5.67 -6.59
N ILE A 64 13.24 -5.68 -6.59
CA ILE A 64 13.70 -7.02 -6.21
CA ILE A 64 13.76 -7.00 -6.15
C ILE A 64 14.46 -7.58 -7.43
C ILE A 64 14.41 -7.68 -7.36
N LEU A 65 15.64 -8.14 -7.20
CA LEU A 65 16.40 -8.72 -8.33
C LEU A 65 15.51 -9.74 -9.03
N GLY A 66 15.44 -9.65 -10.34
CA GLY A 66 14.47 -10.47 -11.08
C GLY A 66 14.88 -11.90 -11.24
N PHE A 67 14.07 -12.83 -10.76
CA PHE A 67 14.32 -14.27 -10.90
C PHE A 67 14.11 -14.73 -12.33
N ILE A 68 15.01 -15.58 -12.83
CA ILE A 68 14.84 -16.27 -14.12
C ILE A 68 14.75 -17.79 -13.86
N ALA A 69 15.69 -18.38 -13.15
CA ALA A 69 15.70 -19.84 -13.00
C ALA A 69 16.49 -20.32 -11.79
N SER A 70 16.11 -21.47 -11.25
CA SER A 70 16.93 -22.27 -10.33
C SER A 70 17.23 -23.60 -11.01
N ASP A 71 18.49 -23.95 -11.11
CA ASP A 71 18.93 -25.18 -11.81
C ASP A 71 19.78 -26.06 -10.90
N MET A 72 19.40 -27.32 -10.82
CA MET A 72 20.24 -28.36 -10.21
C MET A 72 20.67 -29.30 -11.34
N THR A 73 21.97 -29.56 -11.46
CA THR A 73 22.49 -30.52 -12.47
C THR A 73 23.31 -31.57 -11.73
N SER A 74 23.14 -32.82 -12.12
CA SER A 74 23.86 -34.00 -11.58
C SER A 74 25.27 -34.02 -12.20
N ARG A 75 26.31 -34.15 -11.39
CA ARG A 75 27.68 -34.39 -11.93
C ARG A 75 28.16 -35.72 -11.38
N HIS A 76 29.15 -36.30 -12.07
CA HIS A 76 30.04 -37.37 -11.60
C HIS A 76 29.78 -37.68 -10.13
N SER A 77 30.29 -36.83 -9.23
CA SER A 77 30.43 -37.09 -7.78
C SER A 77 29.84 -35.93 -6.98
N SER A 78 29.01 -35.09 -7.61
CA SER A 78 28.51 -33.85 -6.99
C SER A 78 27.26 -33.34 -7.70
N THR A 79 26.62 -32.37 -7.06
CA THR A 79 25.42 -31.66 -7.57
C THR A 79 25.85 -30.23 -7.82
N GLN A 80 25.50 -29.64 -8.97
CA GLN A 80 25.82 -28.23 -9.30
C GLN A 80 24.55 -27.42 -9.12
N LEU A 81 24.62 -26.32 -8.37
CA LEU A 81 23.42 -25.50 -8.05
C LEU A 81 23.64 -24.10 -8.60
N TRP A 82 22.74 -23.66 -9.50
CA TRP A 82 22.84 -22.34 -10.16
C TRP A 82 21.56 -21.57 -9.85
N LEU A 83 21.68 -20.28 -9.61
CA LEU A 83 20.54 -19.36 -9.57
C LEU A 83 20.77 -18.37 -10.70
N ILE A 84 19.79 -18.21 -11.57
CA ILE A 84 19.91 -17.31 -12.75
C ILE A 84 18.95 -16.15 -12.57
N THR A 85 19.46 -14.93 -12.72
CA THR A 85 18.67 -13.72 -12.49
C THR A 85 18.95 -12.72 -13.61
N HIS A 86 18.15 -11.66 -13.62
CA HIS A 86 18.49 -10.43 -14.36
C HIS A 86 19.91 -10.00 -14.04
N TYR A 87 20.57 -9.34 -15.00
CA TYR A 87 21.94 -8.84 -14.85
C TYR A 87 21.92 -7.32 -14.81
N HIS A 88 22.57 -6.74 -13.79
CA HIS A 88 22.66 -5.26 -13.62
C HIS A 88 24.12 -4.84 -13.79
N GLU A 89 24.42 -4.32 -14.98
CA GLU A 89 25.84 -4.09 -15.35
C GLU A 89 26.51 -3.05 -14.45
N MET A 90 25.76 -2.17 -13.78
CA MET A 90 26.38 -1.16 -12.89
C MET A 90 26.88 -1.79 -11.59
N GLY A 91 26.50 -3.03 -11.31
CA GLY A 91 26.99 -3.74 -10.13
C GLY A 91 26.30 -3.35 -8.85
N SER A 92 26.93 -3.68 -7.73
CA SER A 92 26.28 -3.49 -6.41
C SER A 92 26.37 -2.04 -5.96
N LEU A 93 25.48 -1.65 -5.06
CA LEU A 93 25.52 -0.30 -4.45
C LEU A 93 26.85 -0.11 -3.74
N TYR A 94 27.39 -1.13 -3.08
CA TYR A 94 28.69 -1.06 -2.41
C TYR A 94 29.77 -0.61 -3.39
N ASP A 95 29.85 -1.19 -4.58
N ASP A 95 29.80 -1.27 -4.56
CA ASP A 95 30.95 -0.78 -5.52
CA ASP A 95 30.71 -0.97 -5.70
C ASP A 95 30.57 0.56 -6.17
C ASP A 95 30.53 0.49 -6.11
N TYR A 96 29.29 0.84 -6.42
CA TYR A 96 28.88 2.10 -7.05
C TYR A 96 29.25 3.27 -6.16
N LEU A 97 29.03 3.14 -4.84
CA LEU A 97 29.29 4.27 -3.92
C LEU A 97 30.79 4.53 -3.80
N GLN A 98 31.66 3.59 -4.18
CA GLN A 98 33.12 3.86 -4.05
C GLN A 98 33.56 4.83 -5.15
N LEU A 99 32.92 4.81 -6.32
CA LEU A 99 33.46 5.53 -7.50
C LEU A 99 32.49 6.64 -7.93
N THR A 100 31.48 6.97 -7.12
CA THR A 100 30.51 8.00 -7.50
C THR A 100 30.10 8.79 -6.26
N THR A 101 29.88 10.08 -6.44
CA THR A 101 29.10 10.92 -5.50
C THR A 101 27.70 11.12 -6.05
N LEU A 102 26.80 11.57 -5.19
CA LEU A 102 25.36 11.66 -5.47
C LEU A 102 24.88 13.09 -5.31
N ASP A 103 23.89 13.47 -6.09
CA ASP A 103 23.11 14.69 -5.81
C ASP A 103 21.87 14.32 -5.03
N THR A 104 21.07 15.28 -4.63
CA THR A 104 19.86 15.10 -3.82
C THR A 104 18.89 14.15 -4.53
N VAL A 105 18.62 14.37 -5.81
CA VAL A 105 17.62 13.51 -6.52
C VAL A 105 18.14 12.09 -6.57
N SER A 106 19.41 11.86 -6.89
N SER A 106 19.43 11.86 -6.86
CA SER A 106 19.95 10.48 -7.05
CA SER A 106 19.99 10.49 -7.06
C SER A 106 19.95 9.80 -5.68
C SER A 106 20.07 9.78 -5.71
N CYS A 107 20.36 10.51 -4.63
CA CYS A 107 20.39 9.92 -3.27
C CYS A 107 18.98 9.47 -2.90
N LEU A 108 17.99 10.34 -3.02
CA LEU A 108 16.62 9.99 -2.63
C LEU A 108 16.10 8.84 -3.50
N ARG A 109 16.44 8.83 -4.78
CA ARG A 109 15.92 7.79 -5.70
C ARG A 109 16.45 6.42 -5.26
N ILE A 110 17.72 6.35 -4.93
CA ILE A 110 18.36 5.12 -4.43
C ILE A 110 17.61 4.68 -3.18
N VAL A 111 17.54 5.52 -2.16
CA VAL A 111 17.06 5.02 -0.86
C VAL A 111 15.57 4.74 -0.91
N LEU A 112 14.80 5.54 -1.64
CA LEU A 112 13.34 5.23 -1.74
C LEU A 112 13.16 3.92 -2.52
N SER A 113 13.98 3.64 -3.52
CA SER A 113 13.81 2.37 -4.29
C SER A 113 14.12 1.18 -3.37
N ILE A 114 15.13 1.31 -2.50
CA ILE A 114 15.43 0.22 -1.56
C ILE A 114 14.26 0.05 -0.59
N ALA A 115 13.75 1.13 0.00
CA ALA A 115 12.59 1.09 0.91
C ALA A 115 11.39 0.41 0.23
N SER A 116 11.20 0.70 -1.06
N SER A 116 11.19 0.71 -1.05
CA SER A 116 10.08 0.15 -1.84
CA SER A 116 10.06 0.13 -1.85
C SER A 116 10.25 -1.36 -1.95
C SER A 116 10.24 -1.37 -1.97
N GLY A 117 11.44 -1.83 -2.32
CA GLY A 117 11.70 -3.27 -2.42
C GLY A 117 11.49 -3.91 -1.07
N LEU A 118 12.02 -3.27 -0.02
CA LEU A 118 11.92 -3.89 1.32
C LEU A 118 10.47 -3.97 1.80
N ALA A 119 9.67 -2.91 1.61
CA ALA A 119 8.27 -2.89 2.02
C ALA A 119 7.54 -3.97 1.23
N HIS A 120 7.87 -4.17 -0.04
CA HIS A 120 7.23 -5.27 -0.82
C HIS A 120 7.56 -6.62 -0.19
N LEU A 121 8.82 -6.87 0.17
CA LEU A 121 9.15 -8.11 0.87
C LEU A 121 8.28 -8.24 2.12
N HIS A 122 8.28 -7.22 2.94
CA HIS A 122 7.69 -7.27 4.31
C HIS A 122 6.17 -7.50 4.30
N ILE A 123 5.47 -7.06 3.26
CA ILE A 123 3.98 -6.98 3.30
C ILE A 123 3.36 -8.32 2.89
N GLU A 124 2.40 -8.80 3.67
CA GLU A 124 1.57 -9.95 3.29
C GLU A 124 0.44 -9.43 2.41
N ILE A 125 0.23 -10.09 1.27
CA ILE A 125 -0.84 -9.73 0.31
C ILE A 125 -1.72 -10.98 0.20
N PHE A 126 -3.03 -10.88 0.45
N PHE A 126 -3.03 -10.82 0.39
CA PHE A 126 -3.94 -12.06 0.45
CA PHE A 126 -4.02 -11.93 0.27
C PHE A 126 -4.43 -12.35 -0.98
C PHE A 126 -4.17 -12.39 -1.19
N GLY A 127 -4.52 -13.65 -1.35
CA GLY A 127 -5.08 -14.14 -2.62
C GLY A 127 -4.03 -14.78 -3.54
N GLY A 130 -1.19 -13.00 -4.48
CA GLY A 130 -0.59 -12.36 -3.28
C GLY A 130 0.76 -12.96 -2.91
N LYS A 131 1.09 -12.86 -1.64
CA LYS A 131 2.44 -13.30 -1.14
C LYS A 131 2.43 -13.38 0.36
N PRO A 132 3.21 -14.28 0.95
CA PRO A 132 3.48 -14.24 2.38
C PRO A 132 4.38 -13.01 2.64
N ALA A 133 4.35 -12.55 3.87
CA ALA A 133 5.36 -11.59 4.38
C ALA A 133 6.70 -12.32 4.36
N ILE A 134 7.76 -11.54 4.05
CA ILE A 134 9.14 -12.06 3.91
C ILE A 134 10.07 -11.08 4.61
N ALA A 135 10.96 -11.63 5.43
CA ALA A 135 12.11 -10.87 5.96
C ALA A 135 13.38 -11.35 5.28
N HIS A 136 14.25 -10.42 4.93
CA HIS A 136 15.48 -10.69 4.15
C HIS A 136 16.57 -11.32 4.99
N ARG A 137 16.89 -10.69 6.12
CA ARG A 137 17.85 -11.19 7.13
C ARG A 137 19.32 -11.02 6.70
N ASP A 138 19.64 -10.45 5.53
CA ASP A 138 21.06 -10.14 5.24
C ASP A 138 21.14 -8.88 4.37
N LEU A 139 20.41 -7.84 4.73
CA LEU A 139 20.38 -6.61 3.91
C LEU A 139 21.69 -5.87 4.17
N LYS A 140 22.30 -5.39 3.11
CA LYS A 140 23.58 -4.65 3.15
C LYS A 140 23.84 -4.12 1.74
N SER A 141 24.81 -3.22 1.59
CA SER A 141 25.02 -2.55 0.31
C SER A 141 25.56 -3.52 -0.75
N LYS A 142 26.22 -4.61 -0.38
CA LYS A 142 26.67 -5.62 -1.36
C LYS A 142 25.48 -6.45 -1.88
N ASN A 143 24.33 -6.46 -1.17
CA ASN A 143 23.13 -7.23 -1.59
C ASN A 143 22.11 -6.32 -2.23
N ILE A 144 22.55 -5.17 -2.73
CA ILE A 144 21.68 -4.23 -3.47
C ILE A 144 22.38 -3.90 -4.78
N LEU A 145 21.66 -4.01 -5.89
CA LEU A 145 22.24 -3.72 -7.22
CA LEU A 145 22.23 -3.72 -7.22
C LEU A 145 21.69 -2.40 -7.74
N VAL A 146 22.51 -1.70 -8.54
CA VAL A 146 22.14 -0.40 -9.14
C VAL A 146 21.66 -0.65 -10.55
N LYS A 147 20.49 -0.14 -10.88
CA LYS A 147 19.94 -0.24 -12.25
C LYS A 147 20.27 1.04 -13.03
N LYS A 148 20.22 0.90 -14.36
CA LYS A 148 20.56 2.04 -15.25
C LYS A 148 19.60 3.21 -15.03
N ASN A 149 18.35 2.95 -14.61
CA ASN A 149 17.38 4.04 -14.38
C ASN A 149 17.55 4.74 -13.02
N GLY A 150 18.58 4.38 -12.26
CA GLY A 150 18.91 5.08 -11.02
C GLY A 150 18.22 4.50 -9.80
N GLN A 151 17.31 3.57 -10.00
CA GLN A 151 16.72 2.83 -8.87
C GLN A 151 17.61 1.63 -8.59
N CYS A 152 17.44 1.05 -7.41
CA CYS A 152 18.16 -0.18 -6.99
C CYS A 152 17.18 -1.35 -6.90
N CYS A 153 17.75 -2.53 -6.75
CA CYS A 153 16.99 -3.73 -6.43
C CYS A 153 17.72 -4.55 -5.37
N ILE A 154 16.92 -5.20 -4.53
CA ILE A 154 17.43 -6.04 -3.45
C ILE A 154 17.67 -7.46 -3.97
N ALA A 155 18.81 -8.02 -3.60
CA ALA A 155 19.27 -9.36 -4.01
C ALA A 155 19.52 -10.25 -2.79
N ASP A 156 19.56 -11.56 -3.04
CA ASP A 156 20.02 -12.63 -2.14
C ASP A 156 18.96 -12.91 -1.08
N LEU A 157 18.07 -13.85 -1.39
CA LEU A 157 17.03 -14.32 -0.44
C LEU A 157 17.41 -15.66 0.18
N GLY A 158 18.70 -15.97 0.21
CA GLY A 158 19.17 -17.26 0.74
C GLY A 158 19.01 -17.38 2.22
N LEU A 159 18.83 -16.28 2.97
CA LEU A 159 18.57 -16.32 4.43
C LEU A 159 17.14 -15.89 4.74
N ALA A 160 16.33 -15.63 3.69
CA ALA A 160 15.00 -15.04 3.89
C ALA A 160 14.08 -16.00 4.63
N VAL A 161 13.14 -15.46 5.36
CA VAL A 161 12.08 -16.22 6.05
C VAL A 161 10.70 -15.70 5.64
N MET A 162 9.84 -16.64 5.30
CA MET A 162 8.42 -16.39 4.98
C MET A 162 7.55 -16.53 6.23
N HIS A 163 6.51 -15.71 6.33
CA HIS A 163 5.36 -15.84 7.29
C HIS A 163 4.01 -15.90 6.54
N ARG A 177 24.34 -20.64 7.80
CA ARG A 177 24.55 -19.22 7.43
C ARG A 177 23.85 -18.33 8.43
N VAL A 178 24.50 -17.22 8.82
CA VAL A 178 23.85 -16.17 9.66
C VAL A 178 24.05 -14.86 8.93
N GLY A 179 23.40 -13.81 9.38
CA GLY A 179 23.56 -12.53 8.68
C GLY A 179 24.97 -11.98 8.80
N THR A 180 25.32 -11.02 7.96
CA THR A 180 26.63 -10.35 8.00
C THR A 180 26.77 -9.63 9.33
N LYS A 181 27.83 -9.91 10.09
CA LYS A 181 27.90 -9.47 11.50
CA LYS A 181 27.93 -9.47 11.49
C LYS A 181 27.94 -7.93 11.60
N ARG A 182 28.57 -7.24 10.68
CA ARG A 182 28.68 -5.76 10.73
C ARG A 182 27.29 -5.13 10.76
N TYR A 183 26.33 -5.79 10.12
CA TYR A 183 24.96 -5.24 9.96
C TYR A 183 23.95 -5.84 10.96
N MET A 184 24.39 -6.68 11.91
CA MET A 184 23.47 -7.33 12.86
C MET A 184 22.90 -6.33 13.87
N ALA A 185 21.60 -6.40 14.06
CA ALA A 185 20.86 -5.59 15.06
C ALA A 185 21.29 -6.00 16.47
N PRO A 186 21.11 -5.11 17.45
CA PRO A 186 21.50 -5.42 18.82
C PRO A 186 20.88 -6.70 19.39
N GLU A 187 19.61 -6.97 19.08
CA GLU A 187 18.89 -8.15 19.62
C GLU A 187 19.47 -9.41 19.02
N VAL A 188 20.04 -9.36 17.82
CA VAL A 188 20.76 -10.54 17.25
C VAL A 188 22.06 -10.75 18.00
N LEU A 189 22.80 -9.68 18.23
CA LEU A 189 24.13 -9.77 18.88
C LEU A 189 23.98 -10.18 20.35
N ASP A 190 22.91 -9.79 21.05
CA ASP A 190 22.76 -10.13 22.48
C ASP A 190 21.83 -11.33 22.64
N GLU A 191 21.40 -11.91 21.53
CA GLU A 191 20.59 -13.17 21.51
C GLU A 191 19.29 -13.00 22.31
N THR A 192 18.71 -11.81 22.35
CA THR A 192 17.37 -11.53 22.95
C THR A 192 16.28 -11.52 21.88
N ILE A 193 16.64 -11.60 20.60
CA ILE A 193 15.61 -11.61 19.55
C ILE A 193 14.53 -12.67 19.86
N GLN A 194 13.27 -12.29 19.72
CA GLN A 194 12.13 -13.23 19.91
C GLN A 194 11.99 -14.06 18.63
N VAL A 195 12.65 -15.20 18.58
CA VAL A 195 12.86 -16.00 17.33
C VAL A 195 11.54 -16.59 16.82
N ASP A 196 10.50 -16.67 17.66
CA ASP A 196 9.17 -17.24 17.32
C ASP A 196 8.26 -16.16 16.76
N CYS A 197 8.71 -14.91 16.67
CA CYS A 197 7.84 -13.76 16.34
C CYS A 197 8.30 -13.21 14.98
N PHE A 198 7.45 -13.27 13.95
CA PHE A 198 7.93 -12.90 12.60
C PHE A 198 8.34 -11.43 12.57
N ASP A 199 7.63 -10.55 13.26
CA ASP A 199 7.90 -9.10 13.24
C ASP A 199 9.33 -8.83 13.73
N SER A 200 9.88 -9.69 14.57
CA SER A 200 11.30 -9.56 15.01
C SER A 200 12.23 -9.48 13.79
N TYR A 201 11.96 -10.25 12.75
CA TYR A 201 12.86 -10.36 11.59
C TYR A 201 12.72 -9.12 10.75
N LYS A 202 11.51 -8.57 10.65
N LYS A 202 11.50 -8.57 10.64
CA LYS A 202 11.32 -7.29 9.91
CA LYS A 202 11.34 -7.29 9.92
C LYS A 202 12.13 -6.21 10.63
C LYS A 202 12.18 -6.23 10.63
N ARG A 203 12.14 -6.19 11.96
CA ARG A 203 12.84 -5.14 12.72
C ARG A 203 14.36 -5.25 12.55
N VAL A 204 14.87 -6.45 12.38
CA VAL A 204 16.30 -6.69 12.09
C VAL A 204 16.61 -6.10 10.71
N ASP A 205 15.71 -6.26 9.76
CA ASP A 205 15.94 -5.68 8.42
C ASP A 205 15.95 -4.16 8.51
N ILE A 206 15.07 -3.55 9.31
CA ILE A 206 15.01 -2.08 9.41
C ILE A 206 16.30 -1.51 9.97
N TRP A 207 16.87 -2.15 10.97
CA TRP A 207 18.20 -1.78 11.51
C TRP A 207 19.22 -1.73 10.37
N ALA A 208 19.32 -2.82 9.61
CA ALA A 208 20.27 -2.93 8.47
C ALA A 208 19.98 -1.86 7.42
N PHE A 209 18.70 -1.61 7.15
CA PHE A 209 18.30 -0.55 6.19
C PHE A 209 18.88 0.78 6.65
N GLY A 210 18.74 1.07 7.94
CA GLY A 210 19.27 2.34 8.46
C GLY A 210 20.77 2.48 8.21
N LEU A 211 21.55 1.41 8.40
CA LEU A 211 23.02 1.42 8.09
C LEU A 211 23.26 1.67 6.60
N VAL A 212 22.45 1.08 5.74
CA VAL A 212 22.56 1.32 4.28
C VAL A 212 22.25 2.78 4.00
N LEU A 213 21.20 3.34 4.62
CA LEU A 213 20.84 4.76 4.40
C LEU A 213 22.06 5.62 4.75
N TRP A 214 22.71 5.34 5.88
CA TRP A 214 23.93 6.06 6.32
C TRP A 214 25.04 5.94 5.28
N GLU A 215 25.25 4.76 4.73
CA GLU A 215 26.30 4.54 3.70
C GLU A 215 26.05 5.43 2.48
N VAL A 216 24.81 5.55 2.09
CA VAL A 216 24.44 6.28 0.86
C VAL A 216 24.52 7.78 1.13
N ALA A 217 23.97 8.21 2.25
CA ALA A 217 23.86 9.65 2.59
C ALA A 217 25.27 10.27 2.65
N ARG A 218 26.26 9.53 3.13
CA ARG A 218 27.64 10.05 3.20
C ARG A 218 28.11 10.48 1.82
N ARG A 219 27.61 9.84 0.76
CA ARG A 219 28.11 10.09 -0.60
C ARG A 219 27.28 11.18 -1.29
N MET A 220 26.29 11.75 -0.66
CA MET A 220 25.51 12.88 -1.20
C MET A 220 26.25 14.20 -0.93
N VAL A 221 26.52 14.96 -1.99
CA VAL A 221 27.25 16.24 -1.88
C VAL A 221 26.33 17.31 -1.31
N SER A 222 26.84 18.14 -0.40
CA SER A 222 26.11 19.37 0.02
C SER A 222 27.15 20.44 0.26
N ASN A 223 26.89 21.65 -0.23
N ASN A 223 26.92 21.63 -0.29
CA ASN A 223 27.82 22.80 0.00
CA ASN A 223 27.79 22.78 0.04
C ASN A 223 29.25 22.38 -0.32
C ASN A 223 29.25 22.39 -0.31
N GLY A 224 29.47 21.64 -1.41
CA GLY A 224 30.80 21.22 -1.88
C GLY A 224 31.50 20.18 -1.04
N ILE A 225 30.79 19.57 -0.09
CA ILE A 225 31.41 18.62 0.85
C ILE A 225 30.79 17.23 0.61
N VAL A 226 31.62 16.21 0.73
CA VAL A 226 31.13 14.80 0.74
C VAL A 226 32.00 13.97 1.66
N GLU A 227 31.44 12.92 2.27
CA GLU A 227 32.33 11.96 2.98
C GLU A 227 32.81 10.89 2.01
N ASP A 228 33.98 10.33 2.28
CA ASP A 228 34.50 9.14 1.58
C ASP A 228 33.56 7.94 1.88
N TYR A 229 33.48 7.01 0.94
CA TYR A 229 32.77 5.75 1.22
C TYR A 229 33.43 5.08 2.40
N LYS A 230 32.64 4.71 3.38
CA LYS A 230 33.04 3.78 4.48
C LYS A 230 31.88 2.85 4.79
N PRO A 231 32.20 1.63 5.25
CA PRO A 231 31.19 0.73 5.74
C PRO A 231 30.78 1.12 7.14
N PRO A 232 29.55 0.73 7.55
CA PRO A 232 29.09 1.05 8.91
C PRO A 232 30.12 0.55 9.94
N PHE A 233 30.36 1.37 10.96
CA PHE A 233 31.23 1.05 12.12
C PHE A 233 32.70 0.93 11.73
N TYR A 234 33.10 1.49 10.59
CA TYR A 234 34.49 1.41 10.08
C TYR A 234 35.46 1.95 11.11
N ASP A 235 35.00 2.86 11.96
CA ASP A 235 35.87 3.58 12.92
C ASP A 235 35.98 2.88 14.25
N VAL A 236 35.21 1.82 14.49
CA VAL A 236 35.15 1.21 15.84
C VAL A 236 35.33 -0.30 15.84
N VAL A 237 35.35 -0.96 14.68
CA VAL A 237 35.56 -2.44 14.63
C VAL A 237 36.57 -2.71 13.55
N PRO A 238 37.27 -3.86 13.63
CA PRO A 238 38.15 -4.26 12.54
C PRO A 238 37.44 -4.70 11.26
N ASN A 239 38.20 -4.88 10.17
CA ASN A 239 37.69 -5.70 9.06
C ASN A 239 37.30 -7.07 9.58
N ASP A 240 36.26 -7.65 9.02
CA ASP A 240 35.73 -8.96 9.42
C ASP A 240 35.61 -8.98 10.93
N PRO A 241 34.79 -8.06 11.47
CA PRO A 241 34.64 -7.91 12.90
C PRO A 241 34.06 -9.20 13.47
N SER A 242 34.47 -9.56 14.67
CA SER A 242 33.86 -10.71 15.34
C SER A 242 32.47 -10.39 15.89
N PHE A 243 31.73 -11.42 16.22
CA PHE A 243 30.44 -11.29 16.90
C PHE A 243 30.63 -10.46 18.16
N GLU A 244 31.66 -10.78 18.97
N GLU A 244 31.67 -10.79 18.93
CA GLU A 244 31.93 -10.03 20.23
CA GLU A 244 31.94 -10.10 20.19
C GLU A 244 32.29 -8.59 19.92
C GLU A 244 32.31 -8.63 19.94
N ASP A 245 33.09 -8.36 18.89
CA ASP A 245 33.46 -6.97 18.55
C ASP A 245 32.19 -6.17 18.33
N MET A 246 31.29 -6.72 17.54
CA MET A 246 30.02 -6.02 17.25
C MET A 246 29.14 -5.88 18.49
N ARG A 247 29.03 -6.93 19.30
CA ARG A 247 28.20 -6.88 20.51
C ARG A 247 28.68 -5.76 21.44
N LYS A 248 29.98 -5.63 21.60
CA LYS A 248 30.51 -4.57 22.52
CA LYS A 248 30.54 -4.58 22.50
C LYS A 248 30.12 -3.19 21.99
N VAL A 249 30.26 -2.96 20.70
CA VAL A 249 29.93 -1.65 20.10
C VAL A 249 28.43 -1.38 20.21
N VAL A 250 27.63 -2.31 19.70
CA VAL A 250 26.20 -2.02 19.45
C VAL A 250 25.35 -2.22 20.71
N CYS A 251 25.68 -3.24 21.51
CA CYS A 251 24.84 -3.63 22.67
C CYS A 251 25.39 -3.03 23.95
N VAL A 252 26.67 -3.17 24.21
CA VAL A 252 27.20 -2.80 25.54
C VAL A 252 27.40 -1.29 25.58
N ASP A 253 28.11 -0.72 24.59
CA ASP A 253 28.38 0.73 24.54
C ASP A 253 27.23 1.47 23.86
N GLN A 254 26.40 0.78 23.07
CA GLN A 254 25.24 1.39 22.38
C GLN A 254 25.67 2.50 21.42
N GLN A 255 26.79 2.30 20.73
CA GLN A 255 27.28 3.22 19.67
C GLN A 255 26.37 3.10 18.44
N ARG A 256 26.30 4.19 17.71
CA ARG A 256 25.59 4.30 16.42
C ARG A 256 26.52 5.05 15.49
N PRO A 257 26.36 4.86 14.17
CA PRO A 257 27.15 5.62 13.19
C PRO A 257 27.05 7.13 13.42
N ASN A 258 28.17 7.82 13.30
N ASN A 258 28.19 7.80 13.20
CA ASN A 258 28.19 9.27 13.54
CA ASN A 258 28.38 9.28 13.30
C ASN A 258 27.56 10.01 12.36
C ASN A 258 27.51 10.02 12.26
N ILE A 259 26.83 11.07 12.70
CA ILE A 259 26.18 12.01 11.75
C ILE A 259 27.08 13.23 11.68
N PRO A 260 27.75 13.49 10.54
CA PRO A 260 28.60 14.67 10.40
C PRO A 260 27.83 15.97 10.56
N ASN A 261 28.52 16.98 11.08
CA ASN A 261 27.92 18.33 11.24
C ASN A 261 27.40 18.85 9.89
N ARG A 262 28.14 18.63 8.82
CA ARG A 262 27.79 19.24 7.51
C ARG A 262 26.39 18.78 7.10
N TRP A 263 25.91 17.62 7.58
CA TRP A 263 24.54 17.20 7.15
C TRP A 263 23.49 18.20 7.63
N PHE A 264 23.72 18.87 8.78
CA PHE A 264 22.71 19.75 9.42
C PHE A 264 22.60 21.11 8.70
N SER A 265 23.42 21.36 7.69
CA SER A 265 23.26 22.53 6.78
C SER A 265 22.39 22.16 5.59
N ASP A 266 22.05 20.89 5.39
CA ASP A 266 21.32 20.46 4.17
C ASP A 266 19.99 19.88 4.61
N PRO A 267 18.83 20.33 4.08
CA PRO A 267 17.54 19.87 4.57
C PRO A 267 17.34 18.37 4.28
N THR A 268 17.82 17.89 3.13
CA THR A 268 17.67 16.46 2.76
C THR A 268 18.45 15.58 3.75
N LEU A 269 19.71 15.92 3.97
CA LEU A 269 20.56 15.12 4.91
C LEU A 269 20.06 15.26 6.35
N THR A 270 19.49 16.40 6.74
CA THR A 270 18.92 16.55 8.10
C THR A 270 17.76 15.56 8.24
N SER A 271 16.89 15.49 7.24
CA SER A 271 15.71 14.58 7.26
C SER A 271 16.20 13.12 7.23
N LEU A 272 17.22 12.81 6.45
CA LEU A 272 17.73 11.42 6.37
C LEU A 272 18.39 11.04 7.70
N ALA A 273 19.09 11.94 8.37
CA ALA A 273 19.67 11.65 9.70
C ALA A 273 18.58 11.28 10.70
N LYS A 274 17.44 11.99 10.69
CA LYS A 274 16.33 11.69 11.60
C LYS A 274 15.80 10.30 11.27
N LEU A 275 15.71 9.98 9.96
CA LEU A 275 15.14 8.69 9.56
C LEU A 275 16.06 7.57 10.05
N MET A 276 17.35 7.70 9.83
CA MET A 276 18.39 6.74 10.28
C MET A 276 18.20 6.45 11.76
N LYS A 277 18.12 7.51 12.57
CA LYS A 277 17.99 7.42 14.04
C LYS A 277 16.79 6.54 14.38
N GLU A 278 15.71 6.66 13.61
N GLU A 278 15.70 6.66 13.61
CA GLU A 278 14.44 5.96 13.93
CA GLU A 278 14.42 5.98 13.87
C GLU A 278 14.49 4.52 13.43
C GLU A 278 14.46 4.53 13.38
N CYS A 279 15.55 4.13 12.72
CA CYS A 279 15.82 2.71 12.37
C CYS A 279 16.72 2.05 13.41
N TRP A 280 17.33 2.81 14.32
CA TRP A 280 18.46 2.33 15.19
C TRP A 280 18.10 2.28 16.66
N TYR A 281 16.83 2.45 17.01
CA TYR A 281 16.43 2.28 18.43
C TYR A 281 16.88 0.91 18.94
N GLN A 282 17.38 0.90 20.19
CA GLN A 282 17.71 -0.37 20.89
CA GLN A 282 17.74 -0.36 20.89
C GLN A 282 16.48 -1.25 20.95
N ASN A 283 15.34 -0.68 21.29
CA ASN A 283 14.05 -1.39 21.39
C ASN A 283 13.54 -1.64 19.97
N PRO A 284 13.52 -2.90 19.51
CA PRO A 284 13.17 -3.18 18.11
C PRO A 284 11.78 -2.68 17.75
N SER A 285 10.83 -2.74 18.70
CA SER A 285 9.43 -2.36 18.40
C SER A 285 9.28 -0.84 18.25
N ALA A 286 10.29 -0.01 18.59
CA ALA A 286 10.27 1.47 18.41
C ALA A 286 10.65 1.85 16.98
N ARG A 287 11.26 0.90 16.24
CA ARG A 287 11.81 1.23 14.92
C ARG A 287 10.66 1.50 13.93
N LEU A 288 10.92 2.39 12.98
CA LEU A 288 9.97 2.65 11.88
C LEU A 288 9.74 1.38 11.07
N THR A 289 8.59 1.27 10.46
CA THR A 289 8.26 0.22 9.46
C THR A 289 8.73 0.68 8.10
N ALA A 290 8.96 -0.31 7.20
CA ALA A 290 9.36 0.01 5.83
C ALA A 290 8.33 0.91 5.14
N LEU A 291 7.04 0.66 5.38
CA LEU A 291 6.00 1.57 4.80
C LEU A 291 6.12 2.99 5.35
N ARG A 292 6.37 3.17 6.64
CA ARG A 292 6.55 4.51 7.20
C ARG A 292 7.82 5.17 6.65
N ILE A 293 8.91 4.42 6.44
CA ILE A 293 10.13 4.97 5.79
C ILE A 293 9.80 5.46 4.39
N LYS A 294 9.08 4.66 3.59
CA LYS A 294 8.71 5.11 2.24
C LYS A 294 7.94 6.43 2.28
N LYS A 295 6.96 6.51 3.17
CA LYS A 295 6.15 7.74 3.25
C LYS A 295 7.07 8.92 3.57
N THR A 296 7.91 8.77 4.59
CA THR A 296 8.83 9.85 4.99
C THR A 296 9.67 10.27 3.79
N LEU A 297 10.21 9.32 3.02
CA LEU A 297 11.10 9.61 1.89
C LEU A 297 10.33 10.34 0.79
N THR A 298 9.05 10.02 0.60
CA THR A 298 8.25 10.72 -0.44
C THR A 298 8.00 12.18 -0.05
N LYS A 299 8.08 12.54 1.22
CA LYS A 299 7.79 13.93 1.66
C LYS A 299 9.10 14.73 1.74
N ILE A 300 10.25 14.09 1.54
CA ILE A 300 11.58 14.79 1.58
C ILE A 300 11.83 15.35 0.19
N ASP A 301 11.90 16.69 0.12
CA ASP A 301 12.25 17.53 -1.07
C ASP A 301 11.05 17.73 -1.98
N ASP B 9 -41.63 -15.89 -2.59
CA ASP B 9 -41.02 -16.29 -3.91
C ASP B 9 -40.56 -15.05 -4.69
N ILE B 10 -39.53 -15.23 -5.52
CA ILE B 10 -38.91 -14.13 -6.31
C ILE B 10 -38.72 -14.61 -7.74
N THR B 11 -39.10 -13.78 -8.71
CA THR B 11 -38.81 -13.99 -10.15
C THR B 11 -37.67 -13.06 -10.57
N LEU B 12 -36.55 -13.62 -11.06
CA LEU B 12 -35.44 -12.80 -11.62
C LEU B 12 -35.81 -12.40 -13.05
N LEU B 13 -35.84 -11.10 -13.34
CA LEU B 13 -36.37 -10.57 -14.63
C LEU B 13 -35.26 -10.10 -15.55
N GLU B 14 -34.28 -9.34 -15.03
CA GLU B 14 -33.18 -8.87 -15.90
C GLU B 14 -31.95 -8.50 -15.10
N CYS B 15 -30.80 -8.80 -15.68
CA CYS B 15 -29.50 -8.44 -15.08
C CYS B 15 -29.23 -6.96 -15.29
N VAL B 16 -28.94 -6.23 -14.20
CA VAL B 16 -28.68 -4.78 -14.25
C VAL B 16 -27.20 -4.52 -13.93
N GLY B 17 -26.42 -5.56 -13.66
CA GLY B 17 -24.99 -5.39 -13.33
C GLY B 17 -24.31 -6.72 -13.18
N LYS B 18 -23.08 -6.84 -13.67
CA LYS B 18 -22.33 -8.13 -13.68
C LYS B 18 -20.86 -7.73 -13.66
N GLY B 19 -20.10 -8.26 -12.70
CA GLY B 19 -18.66 -8.00 -12.56
C GLY B 19 -18.01 -9.07 -11.72
N ARG B 20 -16.85 -8.80 -11.13
CA ARG B 20 -16.13 -9.76 -10.24
C ARG B 20 -16.86 -9.85 -8.89
N TYR B 21 -17.65 -8.87 -8.47
CA TYR B 21 -18.44 -8.97 -7.21
C TYR B 21 -19.48 -10.10 -7.35
N GLY B 22 -19.95 -10.36 -8.56
CA GLY B 22 -21.16 -11.16 -8.79
C GLY B 22 -22.06 -10.44 -9.75
N GLU B 23 -23.37 -10.54 -9.54
CA GLU B 23 -24.37 -9.96 -10.46
C GLU B 23 -25.48 -9.31 -9.63
N VAL B 24 -26.13 -8.30 -10.18
CA VAL B 24 -27.37 -7.78 -9.61
C VAL B 24 -28.50 -7.93 -10.61
N TRP B 25 -29.61 -8.44 -10.16
CA TRP B 25 -30.84 -8.64 -10.95
C TRP B 25 -31.95 -7.75 -10.46
N ARG B 26 -32.74 -7.26 -11.41
CA ARG B 26 -34.08 -6.78 -11.09
C ARG B 26 -35.00 -8.00 -11.01
N GLY B 27 -35.68 -8.19 -9.88
CA GLY B 27 -36.65 -9.27 -9.72
C GLY B 27 -38.00 -8.75 -9.29
N SER B 28 -39.00 -9.62 -9.27
CA SER B 28 -40.37 -9.31 -8.78
C SER B 28 -40.65 -10.12 -7.51
N TRP B 29 -41.21 -9.48 -6.50
CA TRP B 29 -41.59 -10.09 -5.20
C TRP B 29 -42.84 -9.39 -4.67
N GLN B 30 -43.94 -10.15 -4.49
CA GLN B 30 -45.25 -9.63 -4.05
C GLN B 30 -45.64 -8.43 -4.91
N GLY B 31 -45.54 -8.55 -6.24
CA GLY B 31 -45.92 -7.48 -7.18
C GLY B 31 -44.86 -6.40 -7.37
N GLU B 32 -43.89 -6.29 -6.45
CA GLU B 32 -42.93 -5.15 -6.34
C GLU B 32 -41.59 -5.51 -7.00
N ASN B 33 -40.91 -4.57 -7.64
CA ASN B 33 -39.48 -4.73 -8.04
C ASN B 33 -38.64 -4.87 -6.76
N VAL B 34 -37.70 -5.78 -6.81
CA VAL B 34 -36.64 -5.88 -5.76
C VAL B 34 -35.33 -6.04 -6.50
N ALA B 35 -34.21 -5.73 -5.82
CA ALA B 35 -32.86 -5.96 -6.33
C ALA B 35 -32.29 -7.22 -5.67
N VAL B 36 -31.77 -8.11 -6.46
CA VAL B 36 -31.24 -9.40 -5.96
C VAL B 36 -29.78 -9.45 -6.36
N LYS B 37 -28.89 -9.33 -5.38
CA LYS B 37 -27.45 -9.45 -5.61
C LYS B 37 -27.04 -10.90 -5.35
N ILE B 38 -26.38 -11.47 -6.33
CA ILE B 38 -25.84 -12.85 -6.26
C ILE B 38 -24.35 -12.71 -6.18
N PHE B 39 -23.75 -13.08 -5.06
CA PHE B 39 -22.30 -12.85 -4.86
C PHE B 39 -21.49 -13.93 -5.55
N SER B 40 -20.32 -13.57 -6.05
CA SER B 40 -19.31 -14.59 -6.46
C SER B 40 -18.73 -15.25 -5.23
N SER B 41 -18.26 -16.51 -5.31
CA SER B 41 -17.63 -17.18 -4.12
C SER B 41 -16.35 -16.44 -3.75
N ARG B 42 -15.76 -15.74 -4.69
CA ARG B 42 -14.55 -14.94 -4.46
C ARG B 42 -14.88 -13.84 -3.42
N ASP B 43 -16.15 -13.47 -3.26
CA ASP B 43 -16.55 -12.34 -2.39
C ASP B 43 -17.48 -12.77 -1.24
N GLU B 44 -17.38 -14.02 -0.84
CA GLU B 44 -18.27 -14.58 0.19
C GLU B 44 -18.11 -13.80 1.50
N LYS B 45 -16.95 -13.22 1.82
CA LYS B 45 -16.79 -12.50 3.09
C LYS B 45 -17.53 -11.16 3.05
N SER B 46 -17.67 -10.54 1.89
CA SER B 46 -18.54 -9.35 1.79
C SER B 46 -20.00 -9.71 2.07
N TRP B 47 -20.50 -10.82 1.54
CA TRP B 47 -21.90 -11.23 1.77
C TRP B 47 -22.14 -11.37 3.28
N PHE B 48 -21.24 -12.03 3.97
CA PHE B 48 -21.45 -12.28 5.41
C PHE B 48 -21.41 -10.95 6.17
N ARG B 49 -20.49 -10.07 5.82
CA ARG B 49 -20.34 -8.78 6.49
C ARG B 49 -21.59 -7.91 6.30
N GLU B 50 -22.11 -7.89 5.08
CA GLU B 50 -23.31 -7.11 4.79
C GLU B 50 -24.47 -7.63 5.61
N THR B 51 -24.52 -8.96 5.78
CA THR B 51 -25.56 -9.62 6.56
C THR B 51 -25.43 -9.22 8.04
N GLU B 52 -24.22 -9.21 8.57
CA GLU B 52 -23.98 -8.76 9.97
C GLU B 52 -24.47 -7.30 10.12
N LEU B 53 -24.17 -6.44 9.15
CA LEU B 53 -24.48 -5.00 9.25
C LEU B 53 -26.00 -4.81 9.18
N TYR B 54 -26.70 -5.54 8.30
CA TYR B 54 -28.15 -5.34 8.15
C TYR B 54 -28.93 -5.99 9.31
N ASN B 55 -28.29 -6.80 10.15
CA ASN B 55 -28.94 -7.30 11.39
C ASN B 55 -29.21 -6.13 12.35
N THR B 56 -28.56 -5.00 12.21
CA THR B 56 -28.84 -3.80 13.05
C THR B 56 -30.18 -3.16 12.64
N VAL B 57 -31.30 -3.37 13.37
CA VAL B 57 -32.62 -2.76 13.02
C VAL B 57 -32.48 -1.23 12.95
N MET B 58 -31.70 -0.57 13.81
CA MET B 58 -31.53 0.92 13.79
C MET B 58 -30.60 1.42 12.66
N LEU B 59 -30.06 0.52 11.83
CA LEU B 59 -29.39 0.94 10.57
C LEU B 59 -30.38 1.61 9.62
N ARG B 60 -31.64 1.16 9.57
CA ARG B 60 -32.66 1.63 8.59
C ARG B 60 -32.70 3.17 8.58
N HIS B 61 -32.70 3.74 7.39
CA HIS B 61 -32.61 5.21 7.21
C HIS B 61 -32.96 5.53 5.75
N GLU B 62 -33.60 6.68 5.52
CA GLU B 62 -33.99 7.07 4.15
C GLU B 62 -32.79 7.06 3.20
N ASN B 63 -31.58 7.33 3.68
CA ASN B 63 -30.41 7.47 2.78
C ASN B 63 -29.47 6.26 2.92
N ILE B 64 -29.96 5.10 3.36
CA ILE B 64 -29.21 3.82 3.34
C ILE B 64 -30.08 2.80 2.59
N LEU B 65 -29.50 2.09 1.65
CA LEU B 65 -30.22 1.09 0.86
C LEU B 65 -30.99 0.14 1.78
N GLY B 66 -32.30 0.03 1.55
CA GLY B 66 -33.21 -0.76 2.40
C GLY B 66 -33.09 -2.26 2.15
N PHE B 67 -32.86 -2.97 3.24
CA PHE B 67 -32.69 -4.43 3.26
C PHE B 67 -34.04 -5.15 3.31
N ILE B 68 -34.17 -6.22 2.56
CA ILE B 68 -35.32 -7.15 2.61
C ILE B 68 -34.88 -8.49 3.18
N ALA B 69 -33.89 -9.14 2.60
CA ALA B 69 -33.49 -10.50 3.06
C ALA B 69 -32.06 -10.81 2.66
N SER B 70 -31.47 -11.77 3.35
CA SER B 70 -30.14 -12.30 3.01
C SER B 70 -30.23 -13.80 3.12
N ASP B 71 -29.67 -14.52 2.15
CA ASP B 71 -29.75 -16.00 2.17
C ASP B 71 -28.45 -16.58 1.74
N MET B 72 -28.09 -17.69 2.40
CA MET B 72 -27.08 -18.62 1.88
C MET B 72 -27.77 -19.96 1.64
N THR B 73 -27.69 -20.47 0.41
CA THR B 73 -28.39 -21.72 0.03
C THR B 73 -27.35 -22.66 -0.52
N SER B 74 -27.50 -23.96 -0.23
CA SER B 74 -26.53 -24.92 -0.75
C SER B 74 -27.17 -26.29 -0.94
N ARG B 75 -26.69 -26.97 -1.96
CA ARG B 75 -26.90 -28.41 -2.15
C ARG B 75 -25.60 -28.97 -2.67
N HIS B 76 -25.19 -30.10 -2.16
CA HIS B 76 -23.90 -30.71 -2.53
C HIS B 76 -22.77 -29.69 -2.31
N SER B 77 -21.91 -29.44 -3.29
CA SER B 77 -20.75 -28.55 -3.06
C SER B 77 -20.99 -27.14 -3.61
N SER B 78 -22.23 -26.80 -4.00
N SER B 78 -22.19 -26.84 -4.10
CA SER B 78 -22.62 -25.53 -4.68
CA SER B 78 -22.55 -25.52 -4.63
C SER B 78 -23.33 -24.60 -3.68
C SER B 78 -23.11 -24.69 -3.49
N THR B 79 -22.78 -23.40 -3.43
CA THR B 79 -23.37 -22.44 -2.49
C THR B 79 -23.78 -21.18 -3.24
N GLN B 80 -25.00 -20.73 -3.02
CA GLN B 80 -25.44 -19.42 -3.54
C GLN B 80 -25.59 -18.44 -2.38
N LEU B 81 -25.12 -17.22 -2.62
CA LEU B 81 -25.19 -16.14 -1.61
C LEU B 81 -26.01 -14.99 -2.18
N TRP B 82 -27.12 -14.68 -1.55
CA TRP B 82 -28.13 -13.72 -2.06
C TRP B 82 -28.27 -12.56 -1.09
N LEU B 83 -28.33 -11.32 -1.58
CA LEU B 83 -28.84 -10.19 -0.79
C LEU B 83 -30.00 -9.58 -1.55
N ILE B 84 -31.13 -9.36 -0.91
CA ILE B 84 -32.35 -8.81 -1.53
C ILE B 84 -32.60 -7.45 -0.90
N THR B 85 -32.70 -6.41 -1.73
CA THR B 85 -32.94 -5.03 -1.26
C THR B 85 -34.08 -4.36 -2.04
N HIS B 86 -34.40 -3.16 -1.61
CA HIS B 86 -35.20 -2.26 -2.46
C HIS B 86 -34.49 -2.07 -3.81
N TYR B 87 -35.27 -1.82 -4.85
CA TYR B 87 -34.79 -1.60 -6.22
C TYR B 87 -34.98 -0.13 -6.58
N HIS B 88 -33.95 0.52 -7.08
CA HIS B 88 -33.99 1.94 -7.52
C HIS B 88 -33.78 1.99 -9.02
N GLU B 89 -34.89 2.19 -9.77
CA GLU B 89 -34.86 2.06 -11.24
C GLU B 89 -34.02 3.16 -11.89
N MET B 90 -33.74 4.27 -11.21
CA MET B 90 -32.83 5.32 -11.74
C MET B 90 -31.38 4.90 -11.64
N GLY B 91 -31.07 3.78 -10.98
CA GLY B 91 -29.71 3.28 -10.99
C GLY B 91 -28.81 4.04 -10.02
N SER B 92 -27.51 3.97 -10.24
CA SER B 92 -26.53 4.61 -9.35
C SER B 92 -26.29 6.07 -9.75
N LEU B 93 -25.75 6.82 -8.81
CA LEU B 93 -25.34 8.21 -9.07
C LEU B 93 -24.36 8.26 -10.25
N TYR B 94 -23.47 7.29 -10.35
CA TYR B 94 -22.49 7.18 -11.44
C TYR B 94 -23.24 7.12 -12.77
N ASP B 95 -24.29 6.33 -12.84
CA ASP B 95 -25.12 6.23 -14.07
C ASP B 95 -25.84 7.57 -14.32
N TYR B 96 -26.47 8.12 -13.31
CA TYR B 96 -27.35 9.30 -13.43
C TYR B 96 -26.54 10.51 -13.91
N LEU B 97 -25.38 10.75 -13.30
CA LEU B 97 -24.55 11.92 -13.64
C LEU B 97 -24.09 11.89 -15.10
N GLN B 98 -24.10 10.76 -15.75
CA GLN B 98 -23.66 10.76 -17.19
C GLN B 98 -24.82 11.25 -18.05
N LEU B 99 -26.02 11.30 -17.55
CA LEU B 99 -27.26 11.43 -18.38
C LEU B 99 -27.85 12.82 -18.20
N THR B 100 -27.46 13.55 -17.15
CA THR B 100 -28.20 14.77 -16.79
C THR B 100 -27.21 15.76 -16.20
N THR B 101 -27.56 17.02 -16.38
CA THR B 101 -27.01 18.12 -15.59
C THR B 101 -27.93 18.43 -14.44
N LEU B 102 -27.41 19.19 -13.49
CA LEU B 102 -28.12 19.54 -12.25
C LEU B 102 -28.29 21.04 -12.12
N ASP B 103 -29.40 21.46 -11.54
CA ASP B 103 -29.51 22.84 -11.04
C ASP B 103 -29.07 22.86 -9.58
N THR B 104 -29.06 24.04 -8.99
CA THR B 104 -28.50 24.25 -7.64
C THR B 104 -29.27 23.38 -6.66
N VAL B 105 -30.60 23.45 -6.71
CA VAL B 105 -31.48 22.73 -5.77
C VAL B 105 -31.23 21.23 -5.87
N SER B 106 -31.12 20.68 -7.07
N SER B 106 -31.10 20.69 -7.08
CA SER B 106 -30.90 19.23 -7.25
CA SER B 106 -30.94 19.23 -7.32
C SER B 106 -29.51 18.84 -6.76
C SER B 106 -29.52 18.76 -6.99
N CYS B 107 -28.51 19.64 -7.12
CA CYS B 107 -27.12 19.32 -6.69
C CYS B 107 -27.07 19.26 -5.17
N LEU B 108 -27.60 20.27 -4.50
CA LEU B 108 -27.57 20.32 -3.01
C LEU B 108 -28.42 19.19 -2.41
N ARG B 109 -29.56 18.86 -2.99
CA ARG B 109 -30.40 17.77 -2.47
C ARG B 109 -29.63 16.45 -2.53
N ILE B 110 -28.95 16.20 -3.63
CA ILE B 110 -28.17 14.94 -3.79
C ILE B 110 -27.08 14.93 -2.71
N VAL B 111 -26.26 15.96 -2.64
CA VAL B 111 -25.07 15.85 -1.78
C VAL B 111 -25.47 15.91 -0.30
N LEU B 112 -26.51 16.68 0.06
CA LEU B 112 -26.98 16.65 1.45
C LEU B 112 -27.51 15.26 1.78
N SER B 113 -28.20 14.59 0.86
CA SER B 113 -28.77 13.26 1.19
C SER B 113 -27.63 12.27 1.46
N ILE B 114 -26.56 12.36 0.69
CA ILE B 114 -25.42 11.45 0.88
C ILE B 114 -24.75 11.78 2.22
N ALA B 115 -24.62 13.05 2.55
CA ALA B 115 -24.02 13.43 3.85
C ALA B 115 -24.89 12.92 4.99
N SER B 116 -26.22 12.99 4.84
N SER B 116 -26.20 12.98 4.81
CA SER B 116 -27.16 12.54 5.88
CA SER B 116 -27.18 12.54 5.84
C SER B 116 -26.99 11.02 6.09
C SER B 116 -27.03 11.04 6.07
N GLY B 117 -26.91 10.26 5.00
CA GLY B 117 -26.68 8.82 5.12
C GLY B 117 -25.34 8.51 5.78
N LEU B 118 -24.32 9.26 5.42
CA LEU B 118 -22.96 8.99 5.93
C LEU B 118 -22.91 9.35 7.41
N ALA B 119 -23.51 10.46 7.79
CA ALA B 119 -23.56 10.86 9.23
C ALA B 119 -24.34 9.81 10.00
N HIS B 120 -25.43 9.29 9.43
CA HIS B 120 -26.21 8.23 10.08
C HIS B 120 -25.31 7.02 10.30
N LEU B 121 -24.55 6.63 9.29
CA LEU B 121 -23.60 5.49 9.47
C LEU B 121 -22.62 5.82 10.59
N HIS B 122 -21.95 6.95 10.51
CA HIS B 122 -20.79 7.24 11.39
C HIS B 122 -21.21 7.40 12.85
N ILE B 123 -22.43 7.86 13.09
CA ILE B 123 -22.80 8.25 14.50
C ILE B 123 -23.39 7.04 15.22
N GLU B 124 -22.84 6.74 16.42
CA GLU B 124 -23.34 5.66 17.30
C GLU B 124 -24.69 6.13 17.90
N ILE B 125 -25.69 5.24 17.98
CA ILE B 125 -26.95 5.44 18.75
C ILE B 125 -26.93 4.43 19.92
N PHE B 126 -27.11 4.92 21.14
CA PHE B 126 -26.94 4.14 22.39
C PHE B 126 -28.22 3.35 22.71
N GLY B 130 -29.95 -0.24 19.53
CA GLY B 130 -29.30 0.98 18.99
C GLY B 130 -28.55 0.69 17.71
N LYS B 131 -27.45 1.40 17.47
CA LYS B 131 -26.58 1.13 16.30
C LYS B 131 -25.15 1.49 16.68
N PRO B 132 -24.21 0.61 16.35
CA PRO B 132 -22.80 0.97 16.52
C PRO B 132 -22.49 2.10 15.54
N ALA B 133 -21.39 2.80 15.77
CA ALA B 133 -20.77 3.68 14.75
C ALA B 133 -20.31 2.75 13.61
N ILE B 134 -20.46 3.18 12.37
CA ILE B 134 -20.13 2.34 11.18
C ILE B 134 -19.34 3.20 10.21
N ALA B 135 -18.21 2.68 9.74
CA ALA B 135 -17.48 3.28 8.62
C ALA B 135 -17.64 2.35 7.43
N HIS B 136 -17.90 2.94 6.27
CA HIS B 136 -18.30 2.24 5.03
C HIS B 136 -17.09 1.56 4.32
N ARG B 137 -16.03 2.33 4.03
CA ARG B 137 -14.74 1.90 3.46
C ARG B 137 -14.80 1.72 1.95
N ASP B 138 -15.93 1.84 1.31
CA ASP B 138 -15.94 1.77 -0.18
C ASP B 138 -16.96 2.76 -0.73
N LEU B 139 -16.95 4.00 -0.24
CA LEU B 139 -17.91 5.01 -0.74
C LEU B 139 -17.45 5.46 -2.13
N LYS B 140 -18.39 5.48 -3.06
CA LYS B 140 -18.12 5.91 -4.46
C LYS B 140 -19.46 6.11 -5.14
N SER B 141 -19.44 6.73 -6.32
CA SER B 141 -20.72 7.05 -6.99
C SER B 141 -21.44 5.79 -7.46
N LYS B 142 -20.78 4.68 -7.73
CA LYS B 142 -21.51 3.43 -8.09
C LYS B 142 -22.20 2.78 -6.88
N ASN B 143 -21.82 3.17 -5.68
CA ASN B 143 -22.37 2.61 -4.41
C ASN B 143 -23.39 3.57 -3.82
N ILE B 144 -23.87 4.51 -4.61
CA ILE B 144 -24.93 5.46 -4.22
C ILE B 144 -26.05 5.29 -5.24
N LEU B 145 -27.27 5.05 -4.76
CA LEU B 145 -28.43 4.92 -5.66
C LEU B 145 -29.28 6.18 -5.63
N VAL B 146 -29.82 6.50 -6.79
CA VAL B 146 -30.69 7.70 -6.96
C VAL B 146 -32.15 7.30 -6.82
N LYS B 147 -32.89 8.03 -6.01
CA LYS B 147 -34.30 7.77 -5.71
C LYS B 147 -35.16 8.80 -6.44
N LYS B 148 -36.41 8.44 -6.66
CA LYS B 148 -37.34 9.31 -7.44
C LYS B 148 -37.68 10.61 -6.69
N ASN B 149 -37.46 10.69 -5.39
CA ASN B 149 -37.59 11.97 -4.62
C ASN B 149 -36.35 12.88 -4.74
N GLY B 150 -35.34 12.51 -5.50
CA GLY B 150 -34.17 13.37 -5.75
C GLY B 150 -33.09 13.22 -4.70
N GLN B 151 -33.38 12.46 -3.69
CA GLN B 151 -32.34 12.05 -2.71
C GLN B 151 -31.71 10.72 -3.15
N CYS B 152 -30.63 10.41 -2.48
CA CYS B 152 -29.83 9.22 -2.78
C CYS B 152 -29.78 8.33 -1.54
N CYS B 153 -29.36 7.10 -1.75
CA CYS B 153 -29.09 6.19 -0.63
C CYS B 153 -27.79 5.45 -0.85
N ILE B 154 -27.08 5.24 0.24
CA ILE B 154 -25.76 4.55 0.23
C ILE B 154 -25.95 3.05 0.31
N ALA B 155 -25.18 2.34 -0.50
CA ALA B 155 -25.27 0.88 -0.66
C ALA B 155 -23.90 0.25 -0.46
N ASP B 156 -23.93 -1.04 -0.19
CA ASP B 156 -22.75 -1.95 -0.14
C ASP B 156 -22.00 -1.77 1.16
N LEU B 157 -22.44 -2.55 2.15
CA LEU B 157 -21.81 -2.51 3.48
C LEU B 157 -20.87 -3.70 3.68
N GLY B 158 -20.45 -4.34 2.60
CA GLY B 158 -19.57 -5.52 2.70
C GLY B 158 -18.17 -5.27 3.25
N LEU B 159 -17.70 -4.03 3.31
CA LEU B 159 -16.36 -3.72 3.84
C LEU B 159 -16.48 -2.94 5.15
N ALA B 160 -17.70 -2.76 5.68
CA ALA B 160 -17.93 -1.86 6.83
C ALA B 160 -17.15 -2.31 8.09
N VAL B 161 -16.78 -1.34 8.88
CA VAL B 161 -16.17 -1.52 10.24
C VAL B 161 -17.18 -0.97 11.26
N MET B 162 -17.31 -1.67 12.39
CA MET B 162 -18.28 -1.23 13.44
C MET B 162 -17.52 -0.90 14.71
N HIS B 163 -17.98 0.09 15.45
CA HIS B 163 -17.32 0.50 16.71
C HIS B 163 -18.36 0.94 17.72
N SER B 164 -18.18 0.51 18.97
CA SER B 164 -19.04 1.03 20.06
C SER B 164 -18.16 1.71 21.10
N GLN B 165 -18.31 3.02 21.34
CA GLN B 165 -17.50 3.66 22.39
C GLN B 165 -18.04 3.22 23.74
N SER B 166 -19.34 2.93 23.79
CA SER B 166 -20.10 2.58 25.01
C SER B 166 -19.53 1.28 25.60
N THR B 167 -18.97 0.35 24.80
CA THR B 167 -18.43 -0.95 25.27
C THR B 167 -16.97 -1.11 24.87
N ASN B 168 -16.39 -0.10 24.23
CA ASN B 168 -14.97 -0.10 23.81
C ASN B 168 -14.68 -1.32 22.93
N GLN B 169 -15.51 -1.50 21.91
CA GLN B 169 -15.33 -2.65 20.98
C GLN B 169 -15.18 -2.13 19.54
N LEU B 170 -14.24 -2.73 18.83
CA LEU B 170 -13.99 -2.42 17.40
C LEU B 170 -14.06 -3.73 16.65
N ASP B 171 -14.88 -3.78 15.60
CA ASP B 171 -15.06 -5.00 14.79
C ASP B 171 -14.67 -4.67 13.36
N VAL B 172 -13.45 -5.02 12.94
CA VAL B 172 -12.94 -4.68 11.59
C VAL B 172 -13.31 -5.80 10.63
N GLY B 173 -13.89 -6.87 11.10
CA GLY B 173 -14.30 -8.00 10.24
C GLY B 173 -13.10 -8.75 9.74
N ASN B 174 -13.35 -9.67 8.82
CA ASN B 174 -12.36 -10.60 8.24
C ASN B 174 -12.59 -10.61 6.74
N ASN B 175 -12.25 -9.55 6.04
CA ASN B 175 -12.53 -9.45 4.59
C ASN B 175 -11.27 -8.91 3.96
N PRO B 176 -10.61 -9.69 3.08
CA PRO B 176 -9.39 -9.25 2.41
C PRO B 176 -9.68 -8.25 1.29
N ARG B 177 -10.95 -8.07 0.96
CA ARG B 177 -11.36 -7.05 -0.03
C ARG B 177 -10.78 -5.71 0.40
N VAL B 178 -10.36 -4.87 -0.57
CA VAL B 178 -9.97 -3.46 -0.28
C VAL B 178 -10.89 -2.53 -1.07
N GLY B 179 -10.89 -1.27 -0.68
CA GLY B 179 -11.71 -0.27 -1.37
C GLY B 179 -11.39 -0.10 -2.84
N THR B 180 -12.30 0.56 -3.53
CA THR B 180 -12.12 0.91 -4.96
C THR B 180 -10.89 1.78 -5.08
N LYS B 181 -9.95 1.40 -5.96
CA LYS B 181 -8.61 2.06 -5.91
C LYS B 181 -8.71 3.57 -6.16
N ARG B 182 -9.54 3.98 -7.08
CA ARG B 182 -9.64 5.41 -7.49
C ARG B 182 -10.05 6.31 -6.33
N TYR B 183 -10.75 5.75 -5.33
CA TYR B 183 -11.29 6.54 -4.21
C TYR B 183 -10.50 6.38 -2.90
N MET B 184 -9.37 5.65 -2.94
CA MET B 184 -8.61 5.36 -1.71
C MET B 184 -7.89 6.61 -1.23
N ALA B 185 -8.00 6.92 0.06
CA ALA B 185 -7.30 8.03 0.72
C ALA B 185 -5.79 7.79 0.69
N PRO B 186 -5.00 8.85 0.86
CA PRO B 186 -3.53 8.72 0.85
C PRO B 186 -3.03 7.66 1.84
N GLU B 187 -3.58 7.64 3.06
CA GLU B 187 -3.13 6.70 4.13
C GLU B 187 -3.55 5.27 3.82
N VAL B 188 -4.53 5.05 2.95
CA VAL B 188 -4.86 3.69 2.46
C VAL B 188 -3.83 3.32 1.39
N LEU B 189 -3.54 4.24 0.49
CA LEU B 189 -2.63 3.97 -0.65
C LEU B 189 -1.21 3.80 -0.14
N ASP B 190 -0.82 4.47 0.91
CA ASP B 190 0.58 4.34 1.41
C ASP B 190 0.60 3.32 2.55
N GLU B 191 -0.55 2.76 2.89
CA GLU B 191 -0.68 1.65 3.87
C GLU B 191 -0.15 2.09 5.22
N THR B 192 -0.21 3.36 5.58
CA THR B 192 0.16 3.85 6.92
C THR B 192 -1.07 4.02 7.82
N ILE B 193 -2.26 3.87 7.26
CA ILE B 193 -3.53 3.96 8.07
C ILE B 193 -3.40 3.13 9.33
N GLN B 194 -3.90 3.70 10.42
CA GLN B 194 -3.84 3.08 11.78
C GLN B 194 -5.01 2.11 11.89
N VAL B 195 -4.79 0.82 11.69
CA VAL B 195 -5.90 -0.14 11.46
C VAL B 195 -6.71 -0.42 12.73
N ASP B 196 -6.19 -0.06 13.91
CA ASP B 196 -6.89 -0.38 15.18
C ASP B 196 -7.57 0.88 15.69
N CYS B 197 -7.70 1.92 14.86
CA CYS B 197 -8.27 3.22 15.23
CA CYS B 197 -8.32 3.21 15.26
C CYS B 197 -9.57 3.45 14.45
N PHE B 198 -10.73 3.39 15.09
CA PHE B 198 -12.00 3.52 14.33
C PHE B 198 -12.02 4.85 13.57
N ASP B 199 -11.57 5.95 14.18
CA ASP B 199 -11.64 7.27 13.52
C ASP B 199 -10.89 7.20 12.19
N SER B 200 -9.81 6.42 12.07
CA SER B 200 -9.10 6.28 10.78
C SER B 200 -10.09 5.92 9.68
N TYR B 201 -10.98 4.98 9.91
CA TYR B 201 -11.90 4.51 8.85
C TYR B 201 -12.93 5.58 8.51
N LYS B 202 -13.41 6.34 9.51
CA LYS B 202 -14.34 7.45 9.19
C LYS B 202 -13.63 8.44 8.27
N ARG B 203 -12.34 8.73 8.52
CA ARG B 203 -11.61 9.75 7.77
C ARG B 203 -11.41 9.27 6.32
N VAL B 204 -11.29 7.96 6.11
CA VAL B 204 -11.21 7.38 4.76
C VAL B 204 -12.53 7.64 4.01
N ASP B 205 -13.64 7.48 4.69
CA ASP B 205 -14.98 7.77 4.13
C ASP B 205 -15.07 9.26 3.73
N ILE B 206 -14.54 10.15 4.55
CA ILE B 206 -14.63 11.60 4.28
C ILE B 206 -13.85 11.94 3.01
N TRP B 207 -12.64 11.39 2.85
CA TRP B 207 -11.86 11.59 1.61
C TRP B 207 -12.74 11.20 0.42
N ALA B 208 -13.30 9.98 0.46
CA ALA B 208 -14.10 9.46 -0.66
C ALA B 208 -15.34 10.35 -0.88
N PHE B 209 -15.98 10.80 0.19
CA PHE B 209 -17.15 11.69 0.02
CA PHE B 209 -17.14 11.72 0.07
C PHE B 209 -16.71 12.96 -0.71
N GLY B 210 -15.56 13.53 -0.37
CA GLY B 210 -15.09 14.71 -1.13
C GLY B 210 -14.98 14.44 -2.60
N LEU B 211 -14.48 13.27 -2.97
CA LEU B 211 -14.42 12.89 -4.38
C LEU B 211 -15.82 12.84 -5.00
N VAL B 212 -16.77 12.22 -4.31
CA VAL B 212 -18.16 12.15 -4.80
C VAL B 212 -18.73 13.57 -4.94
N LEU B 213 -18.49 14.44 -3.96
N LEU B 213 -18.44 14.44 -3.99
CA LEU B 213 -18.94 15.87 -4.04
CA LEU B 213 -18.97 15.83 -4.04
C LEU B 213 -18.42 16.46 -5.36
C LEU B 213 -18.39 16.56 -5.27
N TRP B 214 -17.14 16.27 -5.64
CA TRP B 214 -16.51 16.83 -6.87
C TRP B 214 -17.22 16.25 -8.10
N GLU B 215 -17.50 14.95 -8.12
CA GLU B 215 -18.14 14.31 -9.30
C GLU B 215 -19.49 14.98 -9.56
N VAL B 216 -20.25 15.22 -8.50
CA VAL B 216 -21.62 15.79 -8.60
C VAL B 216 -21.51 17.25 -9.03
N ALA B 217 -20.68 18.03 -8.33
CA ALA B 217 -20.57 19.48 -8.59
C ALA B 217 -20.22 19.78 -10.03
N ARG B 218 -19.40 18.96 -10.66
CA ARG B 218 -19.01 19.15 -12.08
C ARG B 218 -20.28 19.21 -12.93
N ARG B 219 -21.32 18.47 -12.55
CA ARG B 219 -22.55 18.40 -13.36
C ARG B 219 -23.57 19.47 -13.01
N MET B 220 -23.27 20.36 -12.07
CA MET B 220 -24.19 21.46 -11.73
C MET B 220 -23.92 22.62 -12.68
N VAL B 221 -24.94 23.08 -13.39
CA VAL B 221 -24.75 24.21 -14.34
C VAL B 221 -24.57 25.52 -13.57
N SER B 222 -23.65 26.35 -14.03
CA SER B 222 -23.55 27.77 -13.61
C SER B 222 -23.19 28.59 -14.82
N ASN B 223 -23.90 29.71 -14.98
CA ASN B 223 -23.56 30.67 -16.06
C ASN B 223 -23.52 29.96 -17.42
N GLY B 224 -24.38 28.96 -17.63
CA GLY B 224 -24.49 28.21 -18.90
C GLY B 224 -23.31 27.28 -19.16
N ILE B 225 -22.50 26.99 -18.13
CA ILE B 225 -21.30 26.11 -18.28
C ILE B 225 -21.54 24.89 -17.37
N VAL B 226 -21.12 23.72 -17.84
CA VAL B 226 -21.05 22.51 -17.00
C VAL B 226 -19.80 21.73 -17.44
N GLU B 227 -19.24 20.88 -16.59
CA GLU B 227 -18.19 19.95 -17.02
C GLU B 227 -18.82 18.62 -17.43
N ASP B 228 -18.15 17.88 -18.31
CA ASP B 228 -18.56 16.50 -18.62
C ASP B 228 -18.37 15.65 -17.37
N TYR B 229 -19.14 14.58 -17.26
CA TYR B 229 -18.94 13.58 -16.20
C TYR B 229 -17.53 13.03 -16.39
N LYS B 230 -16.78 13.00 -15.29
CA LYS B 230 -15.50 12.25 -15.22
C LYS B 230 -15.37 11.64 -13.82
N PRO B 231 -14.75 10.46 -13.73
CA PRO B 231 -14.42 9.87 -12.43
C PRO B 231 -13.22 10.59 -11.83
N PRO B 232 -13.04 10.52 -10.50
CA PRO B 232 -11.89 11.16 -9.88
C PRO B 232 -10.57 10.64 -10.47
N PHE B 233 -9.69 11.61 -10.73
CA PHE B 233 -8.32 11.40 -11.24
C PHE B 233 -8.36 10.89 -12.67
N TYR B 234 -9.43 11.10 -13.44
CA TYR B 234 -9.54 10.62 -14.84
C TYR B 234 -8.32 11.08 -15.66
N ASP B 235 -7.80 12.26 -15.38
CA ASP B 235 -6.81 12.92 -16.28
C ASP B 235 -5.38 12.47 -15.99
N VAL B 236 -5.11 11.82 -14.85
CA VAL B 236 -3.74 11.68 -14.30
C VAL B 236 -3.33 10.22 -14.16
N VAL B 237 -4.25 9.27 -14.29
CA VAL B 237 -3.94 7.82 -14.16
C VAL B 237 -4.34 7.10 -15.43
N PRO B 238 -3.73 5.93 -15.67
CA PRO B 238 -4.19 5.06 -16.73
C PRO B 238 -5.65 4.63 -16.56
N ASN B 239 -6.28 4.23 -17.66
CA ASN B 239 -7.56 3.51 -17.55
C ASN B 239 -7.37 2.27 -16.66
N ASP B 240 -8.38 1.94 -15.89
CA ASP B 240 -8.36 0.77 -15.01
C ASP B 240 -7.13 0.86 -14.11
N PRO B 241 -6.97 1.98 -13.36
CA PRO B 241 -5.76 2.22 -12.59
C PRO B 241 -5.51 1.15 -11.52
N SER B 242 -4.24 0.80 -11.38
CA SER B 242 -3.74 -0.07 -10.29
C SER B 242 -3.61 0.70 -8.97
N PHE B 243 -3.43 -0.05 -7.90
CA PHE B 243 -3.14 0.48 -6.56
C PHE B 243 -1.93 1.39 -6.67
N GLU B 244 -0.86 0.92 -7.34
CA GLU B 244 0.37 1.73 -7.44
C GLU B 244 0.16 2.95 -8.33
N ASP B 245 -0.72 2.87 -9.33
CA ASP B 245 -1.01 4.04 -10.19
C ASP B 245 -1.62 5.14 -9.31
N MET B 246 -2.56 4.74 -8.45
CA MET B 246 -3.25 5.71 -7.56
C MET B 246 -2.29 6.24 -6.50
N ARG B 247 -1.47 5.36 -5.93
CA ARG B 247 -0.46 5.79 -4.94
C ARG B 247 0.45 6.86 -5.55
N LYS B 248 0.86 6.66 -6.82
CA LYS B 248 1.73 7.66 -7.48
C LYS B 248 1.06 9.03 -7.43
N VAL B 249 -0.17 9.14 -7.92
CA VAL B 249 -0.74 10.50 -8.09
C VAL B 249 -1.15 11.10 -6.74
N VAL B 250 -1.72 10.29 -5.85
CA VAL B 250 -2.25 10.80 -4.55
C VAL B 250 -1.11 11.01 -3.58
N CYS B 251 -0.20 10.07 -3.46
CA CYS B 251 0.81 10.11 -2.40
C CYS B 251 2.14 10.74 -2.90
N VAL B 252 2.65 10.31 -4.06
CA VAL B 252 3.94 10.85 -4.54
C VAL B 252 3.72 12.25 -5.11
N ASP B 253 2.73 12.40 -5.98
CA ASP B 253 2.50 13.65 -6.74
C ASP B 253 1.61 14.62 -5.93
N GLN B 254 1.02 14.20 -4.82
CA GLN B 254 0.11 15.01 -3.94
C GLN B 254 -0.99 15.67 -4.77
N GLN B 255 -1.52 14.95 -5.74
CA GLN B 255 -2.60 15.45 -6.64
C GLN B 255 -3.94 15.39 -5.89
N ARG B 256 -4.78 16.37 -6.16
CA ARG B 256 -6.22 16.40 -5.78
C ARG B 256 -7.00 16.76 -7.02
N PRO B 257 -8.29 16.44 -7.10
CA PRO B 257 -9.08 16.86 -8.25
C PRO B 257 -9.02 18.39 -8.43
N ASN B 258 -8.87 18.78 -9.68
CA ASN B 258 -8.82 20.23 -10.01
C ASN B 258 -10.22 20.84 -9.85
N ILE B 259 -10.23 22.06 -9.35
CA ILE B 259 -11.46 22.87 -9.22
C ILE B 259 -11.57 23.72 -10.48
N PRO B 260 -12.56 23.51 -11.35
CA PRO B 260 -12.71 24.33 -12.55
C PRO B 260 -12.86 25.80 -12.10
N ASN B 261 -12.17 26.73 -12.78
CA ASN B 261 -12.24 28.14 -12.34
C ASN B 261 -13.65 28.71 -12.50
N ARG B 262 -14.48 28.16 -13.39
CA ARG B 262 -15.88 28.67 -13.53
C ARG B 262 -16.65 28.52 -12.22
N TRP B 263 -16.31 27.59 -11.33
CA TRP B 263 -17.02 27.45 -10.04
C TRP B 263 -16.93 28.72 -9.21
N PHE B 264 -15.84 29.47 -9.31
CA PHE B 264 -15.57 30.60 -8.42
C PHE B 264 -16.51 31.78 -8.73
N SER B 265 -17.23 31.75 -9.86
N SER B 265 -17.23 31.76 -9.84
CA SER B 265 -18.29 32.76 -10.17
CA SER B 265 -18.24 32.83 -10.08
C SER B 265 -19.59 32.49 -9.40
C SER B 265 -19.64 32.43 -9.59
N ASP B 266 -19.81 31.24 -8.99
CA ASP B 266 -21.10 30.77 -8.40
C ASP B 266 -20.94 30.56 -6.90
N PRO B 267 -21.75 31.18 -6.06
CA PRO B 267 -21.59 31.06 -4.61
C PRO B 267 -21.71 29.61 -4.12
N THR B 268 -22.60 28.85 -4.74
CA THR B 268 -22.88 27.46 -4.32
C THR B 268 -21.64 26.61 -4.59
N LEU B 269 -21.13 26.70 -5.79
CA LEU B 269 -19.97 25.88 -6.19
C LEU B 269 -18.72 26.37 -5.46
N THR B 270 -18.61 27.66 -5.19
CA THR B 270 -17.50 28.16 -4.35
C THR B 270 -17.58 27.51 -2.97
N SER B 271 -18.76 27.44 -2.36
CA SER B 271 -18.94 26.79 -1.03
C SER B 271 -18.60 25.31 -1.14
N LEU B 272 -19.07 24.65 -2.20
CA LEU B 272 -18.78 23.21 -2.34
C LEU B 272 -17.28 22.95 -2.54
N ALA B 273 -16.58 23.79 -3.30
CA ALA B 273 -15.12 23.62 -3.51
C ALA B 273 -14.43 23.71 -2.15
N LYS B 274 -14.90 24.63 -1.29
CA LYS B 274 -14.28 24.80 0.05
C LYS B 274 -14.51 23.51 0.83
N LEU B 275 -15.70 22.94 0.74
CA LEU B 275 -16.05 21.72 1.51
C LEU B 275 -15.21 20.57 1.00
N MET B 276 -15.09 20.38 -0.33
CA MET B 276 -14.24 19.32 -0.92
C MET B 276 -12.84 19.42 -0.37
N LYS B 277 -12.26 20.62 -0.39
CA LYS B 277 -10.85 20.76 0.01
C LYS B 277 -10.70 20.34 1.46
N GLU B 278 -11.69 20.55 2.31
CA GLU B 278 -11.61 20.19 3.75
C GLU B 278 -11.86 18.68 3.93
N CYS B 279 -12.16 17.95 2.87
CA CYS B 279 -12.23 16.47 2.89
C CYS B 279 -10.90 15.85 2.45
N TRP B 280 -10.01 16.63 1.89
CA TRP B 280 -8.82 16.17 1.15
C TRP B 280 -7.50 16.51 1.84
N TYR B 281 -7.50 16.96 3.07
CA TYR B 281 -6.24 17.18 3.80
C TYR B 281 -5.46 15.87 3.79
N GLN B 282 -4.14 15.94 3.59
CA GLN B 282 -3.26 14.77 3.78
C GLN B 282 -3.35 14.31 5.23
N ASN B 283 -3.39 15.22 6.19
CA ASN B 283 -3.56 14.86 7.61
C ASN B 283 -5.01 14.39 7.84
N PRO B 284 -5.26 13.08 8.08
CA PRO B 284 -6.65 12.62 8.17
C PRO B 284 -7.42 13.33 9.28
N SER B 285 -6.74 13.66 10.39
CA SER B 285 -7.42 14.28 11.56
C SER B 285 -7.85 15.74 11.26
N ALA B 286 -7.36 16.36 10.20
CA ALA B 286 -7.75 17.72 9.77
C ALA B 286 -9.09 17.69 9.01
N ARG B 287 -9.48 16.52 8.49
CA ARG B 287 -10.68 16.42 7.62
C ARG B 287 -11.94 16.73 8.42
N LEU B 288 -12.93 17.31 7.77
CA LEU B 288 -14.27 17.54 8.39
C LEU B 288 -14.92 16.22 8.77
N THR B 289 -15.80 16.24 9.77
CA THR B 289 -16.66 15.09 10.10
C THR B 289 -17.87 15.07 9.20
N ALA B 290 -18.52 13.92 9.09
CA ALA B 290 -19.74 13.80 8.30
C ALA B 290 -20.84 14.70 8.86
N LEU B 291 -20.93 14.79 10.19
CA LEU B 291 -21.96 15.70 10.79
C LEU B 291 -21.68 17.15 10.36
N ARG B 292 -20.45 17.59 10.41
CA ARG B 292 -20.10 18.98 10.04
C ARG B 292 -20.39 19.22 8.57
N ILE B 293 -20.13 18.20 7.71
CA ILE B 293 -20.49 18.36 6.29
C ILE B 293 -22.00 18.50 6.17
N LYS B 294 -22.74 17.63 6.83
CA LYS B 294 -24.23 17.70 6.79
C LYS B 294 -24.70 19.08 7.22
N LYS B 295 -24.15 19.60 8.33
CA LYS B 295 -24.60 20.92 8.85
C LYS B 295 -24.26 22.02 7.85
N THR B 296 -23.08 21.96 7.25
CA THR B 296 -22.63 22.98 6.26
C THR B 296 -23.54 22.93 5.03
N LEU B 297 -23.86 21.74 4.53
CA LEU B 297 -24.75 21.61 3.34
C LEU B 297 -26.19 22.05 3.65
N THR B 298 -26.64 21.91 4.89
CA THR B 298 -27.98 22.34 5.33
C THR B 298 -28.04 23.86 5.22
N LYS B 299 -26.93 24.55 5.47
CA LYS B 299 -26.86 26.04 5.49
C LYS B 299 -26.61 26.61 4.08
N ILE B 300 -25.97 25.86 3.17
CA ILE B 300 -25.59 26.32 1.80
C ILE B 300 -26.87 26.36 0.97
N ASP B 301 -27.00 27.35 0.09
CA ASP B 301 -28.07 27.38 -0.96
C ASP B 301 -27.45 27.90 -2.27
C10 LU8 C . 26.00 -8.22 -10.61
C13 LU8 C . 29.31 -6.43 -9.73
C15 LU8 C . 31.11 -5.44 -11.16
C17 LU8 C . 33.57 -5.62 -11.71
C20 LU8 C . 32.87 -3.95 -10.07
C21 LU8 C . 31.51 -4.66 -9.90
C22 LU8 C . 29.14 -6.58 -12.12
C24 LU8 C . 25.68 -9.18 -9.63
C26 LU8 C . 24.00 -10.42 -7.28
C01 LU8 C . 22.52 -14.52 -9.75
C03 LU8 C . 23.05 -12.85 -8.01
C04 LU8 C . 23.42 -11.90 -8.99
C05 LU8 C . 23.95 -10.71 -8.64
C06 LU8 C . 24.37 -9.69 -9.63
C07 LU8 C . 23.48 -9.31 -10.63
C09 LU8 C . 25.03 -7.87 -11.53
C11 LU8 C . 27.38 -7.53 -10.72
C12 LU8 C . 28.05 -7.10 -9.57
C14 LU8 C . 29.79 -6.21 -10.98
C16 LU8 C . 32.23 -6.38 -11.60
C19 LU8 C . 34.26 -5.86 -9.33
C23 LU8 C . 27.89 -7.29 -12.01
C25 LU8 C . 26.71 -9.69 -8.65
C27 LU8 C . 23.65 -11.32 -6.33
C29 LU8 C . 24.21 -9.86 -4.50
C30 LU8 C . 23.16 -12.55 -6.69
C32 LU8 C . 21.46 -13.60 -5.47
N08 LU8 C . 23.81 -8.39 -11.55
N18 LU8 C . 33.92 -4.94 -10.45
O02 LU8 C . 22.53 -14.09 -8.35
O28 LU8 C . 23.67 -11.10 -4.97
O31 LU8 C . 22.80 -13.48 -5.76
C1 EDO D . 13.91 -6.39 -11.21
O1 EDO D . 13.36 -5.46 -10.36
C2 EDO D . 15.33 -6.14 -11.13
O2 EDO D . 16.10 -7.21 -11.66
C1 EDO E . 30.46 5.58 16.19
O1 EDO E . 31.75 6.19 15.98
C2 EDO E . 30.26 4.26 15.54
O2 EDO E . 30.75 4.09 14.14
C1 EDO F . 28.43 -6.75 29.25
O1 EDO F . 29.35 -6.06 30.09
C2 EDO F . 29.09 -7.86 28.52
O2 EDO F . 30.35 -7.51 27.92
C1 EDO G . 36.61 -1.93 9.02
O1 EDO G . 35.63 -1.73 10.05
C2 EDO G . 37.51 -0.81 8.65
O2 EDO G . 38.20 -0.11 9.72
S DMS H . 12.32 -9.37 -19.31
O DMS H . 11.85 -10.78 -19.09
C1 DMS H . 11.42 -8.70 -20.69
C2 DMS H . 11.61 -8.38 -18.02
C10 LU8 I . 11.15 -22.58 -21.96
C13 LU8 I . 7.58 -22.08 -20.91
C15 LU8 I . 5.43 -23.22 -21.48
C17 LU8 I . 3.49 -23.94 -23.02
C20 LU8 I . 3.34 -24.41 -20.64
C21 LU8 I . 4.89 -24.42 -20.72
C22 LU8 I . 7.72 -23.95 -22.41
C24 LU8 I . 12.05 -22.69 -20.90
C26 LU8 I . 14.46 -24.13 -19.61
C01 LU8 I . 17.31 -19.93 -18.88
C03 LU8 I . 16.48 -22.25 -19.00
C04 LU8 I . 15.49 -21.89 -19.90
C05 LU8 I . 14.49 -22.81 -20.19
C06 LU8 I . 13.40 -22.58 -21.17
C07 LU8 I . 13.84 -22.46 -22.50
C09 LU8 I . 11.66 -22.40 -23.25
C11 LU8 I . 9.71 -22.68 -21.81
C12 LU8 I . 8.95 -21.85 -21.00
C14 LU8 I . 6.94 -23.13 -21.61
C16 LU8 I . 4.82 -23.15 -22.89
C19 LU8 I . 1.32 -24.30 -22.01
C23 LU8 I . 9.10 -23.73 -22.49
C25 LU8 I . 11.52 -22.85 -19.52
C27 LU8 I . 15.47 -24.48 -18.73
C29 LU8 I . 14.44 -26.64 -18.28
C30 LU8 I . 16.45 -23.52 -18.42
C32 LU8 I . 17.44 -23.21 -16.28
N08 LU8 I . 12.98 -22.31 -23.52
N18 LU8 I . 2.69 -23.77 -21.80
O02 LU8 I . 17.49 -21.36 -18.66
O28 LU8 I . 15.53 -25.72 -18.12
O31 LU8 I . 17.45 -23.85 -17.56
C10 LU8 J . 7.87 -19.00 -22.77
C13 LU8 J . 4.14 -19.10 -23.08
C15 LU8 J . 2.37 -19.22 -21.22
C17 LU8 J . 0.01 -18.30 -21.51
C20 LU8 J . 0.43 -20.53 -20.53
C21 LU8 J . 1.79 -20.62 -21.20
C22 LU8 J . 4.72 -19.23 -20.71
C24 LU8 J . 8.83 -18.17 -22.15
C26 LU8 J . 11.59 -17.69 -20.51
C01 LU8 J . 12.94 -13.97 -23.55
C03 LU8 J . 12.54 -15.39 -21.66
C04 LU8 J . 11.68 -16.19 -22.39
C05 LU8 J . 11.16 -17.33 -21.82
C06 LU8 J . 10.15 -18.22 -22.50
C07 LU8 J . 10.54 -19.10 -23.52
C09 LU8 J . 8.34 -19.83 -23.77
C11 LU8 J . 6.44 -19.04 -22.45
C12 LU8 J . 5.46 -19.04 -23.48
C14 LU8 J . 3.76 -19.19 -21.72
C16 LU8 J . 1.47 -18.23 -21.97
C19 LU8 J . -0.78 -20.34 -22.64
C23 LU8 J . 6.05 -19.15 -21.09
C25 LU8 J . 8.41 -17.19 -21.09
C27 LU8 J . 12.50 -16.94 -19.82
C29 LU8 J . 12.57 -18.42 -17.93
C30 LU8 J . 12.95 -15.77 -20.38
C32 LU8 J . 15.23 -15.04 -19.77
N08 LU8 J . 9.62 -19.87 -24.10
N18 LU8 J . -0.49 -19.69 -21.33
O02 LU8 J . 13.11 -14.26 -22.16
O28 LU8 J . 12.95 -17.20 -18.54
O31 LU8 J . 13.80 -14.95 -19.72
N01 XK4 K . 1.97 -17.39 -4.29
N01 XK4 K . 2.21 -18.13 0.39
C02 XK4 K . 1.09 -17.44 -3.15
C02 XK4 K . 1.44 -17.88 -0.83
C03 XK4 K . 1.83 -17.03 -1.89
C03 XK4 K . 0.75 -16.53 -0.85
C04 XK4 K . 0.91 -16.60 -1.08
C04 XK4 K . 0.49 -16.36 -2.10
O05 XK4 K . -0.31 -16.09 -1.97
O05 XK4 K . 1.54 -17.18 -2.95
N06 XK4 K . 0.01 -16.38 -3.22
N06 XK4 K . 2.28 -17.79 -2.08
N01 XK4 L . 28.73 -18.40 12.78
C02 XK4 L . 28.01 -17.34 13.45
C03 XK4 L . 27.83 -17.52 14.96
C04 XK4 L . 27.86 -16.29 15.44
O05 XK4 L . 28.44 -15.33 14.33
N06 XK4 L . 28.73 -16.02 13.28
N01 XK4 M . 12.17 -19.01 3.63
N01 XK4 M . 8.71 -20.48 6.91
C02 XK4 M . 10.87 -19.66 3.78
C02 XK4 M . 9.37 -20.45 5.60
C03 XK4 M . 11.00 -21.14 3.57
C03 XK4 M . 10.62 -19.62 5.70
C04 XK4 M . 10.88 -21.68 4.79
C04 XK4 M . 11.10 -19.71 4.49
O05 XK4 M . 9.99 -20.65 5.64
O05 XK4 M . 10.94 -21.26 4.19
N06 XK4 M . 10.34 -19.48 5.26
N06 XK4 M . 10.06 -21.70 5.08
N01 XK4 N . 7.03 -4.04 12.35
N01 XK4 N . 10.27 -1.95 12.30
C02 XK4 N . 8.43 -3.67 12.28
C02 XK4 N . 9.54 -3.21 12.01
C03 XK4 N . 8.97 -3.97 10.91
C03 XK4 N . 8.19 -3.43 12.73
C04 XK4 N . 10.07 -3.32 10.90
C04 XK4 N . 7.63 -4.35 12.00
O05 XK4 N . 9.99 -2.13 11.95
O05 XK4 N . 7.94 -3.79 10.54
N06 XK4 N . 8.77 -2.17 12.35
N06 XK4 N . 9.16 -3.35 10.56
S SO4 O . 19.45 -2.47 -15.91
O1 SO4 O . 18.32 -3.29 -15.59
O2 SO4 O . 19.00 -1.11 -16.07
O3 SO4 O . 20.43 -2.53 -14.88
O4 SO4 O . 20.06 -2.90 -17.17
S SO4 P . 32.13 15.94 12.03
O1 SO4 P . 30.89 16.50 12.54
O2 SO4 P . 32.31 16.20 10.67
O3 SO4 P . 32.02 14.52 12.23
O4 SO4 P . 33.27 16.38 12.82
S SO4 Q . 33.32 -7.14 6.74
O1 SO4 Q . 32.08 -6.63 7.28
O2 SO4 Q . 34.47 -6.33 7.22
O3 SO4 Q . 33.29 -7.08 5.28
O4 SO4 Q . 33.45 -8.53 7.14
C1 EDO R . 4.26 -10.35 -6.11
O1 EDO R . 5.58 -10.00 -6.07
C2 EDO R . 4.10 -11.52 -5.29
O2 EDO R . 3.08 -12.29 -5.86
C1 EDO S . 4.55 -28.87 -23.13
O1 EDO S . 3.80 -28.53 -24.29
C2 EDO S . 5.09 -27.69 -22.42
O2 EDO S . 6.43 -27.38 -22.77
C1 EDO T . 27.91 24.52 6.27
O1 EDO T . 27.08 25.59 5.83
C2 EDO T . 27.65 23.21 5.61
O2 EDO T . 28.77 22.61 5.04
C1 EDO U . 32.67 -13.43 0.81
O1 EDO U . 33.82 -14.23 1.00
C2 EDO U . 31.58 -13.84 1.71
O2 EDO U . 30.58 -14.57 1.04
C1 EDO V . 37.07 9.64 8.21
O1 EDO V . 36.88 9.29 9.59
C2 EDO V . 35.94 9.30 7.28
O2 EDO V . 34.77 10.12 7.37
C10 LU8 W . -29.65 -0.89 -9.00
C13 LU8 W . -30.17 -0.37 -12.70
C15 LU8 W . -28.87 0.51 -14.55
C17 LU8 W . -27.73 2.18 -16.15
C20 LU8 W . -27.86 -0.09 -16.80
C21 LU8 W . -28.16 -0.58 -15.35
C22 LU8 W . -27.90 0.39 -12.15
C24 LU8 W . -28.70 -1.57 -8.19
C26 LU8 W . -26.90 -1.92 -5.67
C01 LU8 W . -29.13 -6.07 -3.92
C03 LU8 W . -27.59 -4.23 -4.34
C04 LU8 W . -28.52 -3.63 -5.19
C05 LU8 W . -28.16 -2.49 -5.89
C06 LU8 W . -29.12 -1.84 -6.85
C07 LU8 W . -30.36 -1.46 -6.38
C09 LU8 W . -30.86 -0.55 -8.48
C11 LU8 W . -29.36 -0.52 -10.42
C12 LU8 W . -30.41 -0.71 -11.35
C14 LU8 W . -28.95 0.15 -13.09
C16 LU8 W . -28.21 1.87 -14.72
C19 LU8 W . -25.72 0.80 -15.98
C23 LU8 W . -28.11 0.03 -10.83
C25 LU8 W . -27.36 -2.02 -8.74
C27 LU8 W . -26.03 -2.51 -4.77
C29 LU8 W . -24.36 -0.86 -5.24
C30 LU8 W . -26.36 -3.66 -4.12
C32 LU8 W . -25.57 -3.96 -1.91
N08 LU8 W . -31.28 -0.82 -7.20
N18 LU8 W . -26.96 1.09 -16.73
O02 LU8 W . -27.91 -5.39 -3.62
O28 LU8 W . -24.78 -2.00 -4.49
O31 LU8 W . -25.44 -4.26 -3.30
S SO4 X . -37.50 4.85 -5.65
O1 SO4 X . -38.41 4.11 -6.49
O2 SO4 X . -37.95 6.19 -5.49
O3 SO4 X . -37.45 4.23 -4.33
O4 SO4 X . -36.21 4.82 -6.25
C1 EDO Y . -5.33 16.56 -10.68
O1 EDO Y . -5.07 16.84 -12.11
C2 EDO Y . -5.97 15.26 -10.44
O2 EDO Y . -7.13 14.89 -11.27
S DMS Z . -23.24 24.16 15.19
O DMS Z . -23.59 23.82 13.75
C1 DMS Z . -22.57 22.69 15.93
C2 DMS Z . -21.74 25.12 15.13
N01 XK4 AA . -32.48 0.08 -15.56
C02 XK4 AA . -31.99 -1.21 -15.99
C03 XK4 AA . -32.87 -1.87 -17.02
C04 XK4 AA . -32.07 -2.75 -17.57
O05 XK4 AA . -30.62 -2.13 -17.50
N06 XK4 AA . -30.74 -1.03 -16.80
N01 XK4 BA . -8.57 -0.68 19.00
C02 XK4 BA . -10.00 -0.80 19.34
C03 XK4 BA . -10.36 -1.33 20.67
C04 XK4 BA . -11.56 -0.90 20.91
O05 XK4 BA . -11.85 0.36 20.03
N06 XK4 BA . -10.70 0.50 19.33
N01 XK4 CA . -11.37 13.82 11.10
N01 XK4 CA . -13.01 13.24 9.11
N01 XK4 CA . -13.27 11.27 13.00
C02 XK4 CA . -12.77 13.54 11.36
C02 XK4 CA . -13.52 13.30 10.44
C02 XK4 CA . -13.89 12.29 12.17
C03 XK4 CA . -13.46 13.06 10.09
C03 XK4 CA . -14.31 12.02 10.77
C03 XK4 CA . -12.94 13.03 11.21
C04 XK4 CA . -14.09 11.98 10.43
C04 XK4 CA . -13.56 11.35 11.61
C04 XK4 CA . -13.34 12.81 9.97
O05 XK4 CA . -13.30 11.37 11.64
O05 XK4 CA . -12.43 12.33 12.17
O05 XK4 CA . -14.23 11.50 10.14
N06 XK4 CA . -12.90 12.39 12.35
N06 XK4 CA . -12.37 13.44 11.46
N06 XK4 CA . -14.90 11.64 11.24
S SO4 DA . -16.06 -5.19 -11.18
O1 SO4 DA . -16.00 -5.32 -9.74
O2 SO4 DA . -17.30 -4.57 -11.56
O3 SO4 DA . -15.98 -6.50 -11.79
O4 SO4 DA . -14.95 -4.40 -11.63
S SO4 EA . -11.25 -1.63 -8.33
O1 SO4 EA . -12.46 -1.13 -8.96
O2 SO4 EA . -10.57 -0.55 -7.75
O3 SO4 EA . -11.60 -2.58 -7.29
O4 SO4 EA . -10.40 -2.26 -9.34
C1 EDO FA . -33.60 3.85 1.12
O1 EDO FA . -33.88 3.53 2.59
C2 EDO FA . -34.31 2.95 0.16
O2 EDO FA . -33.73 1.85 -0.32
C1 EDO GA . -2.22 18.18 5.03
O1 EDO GA . -3.14 18.26 6.11
C2 EDO GA . -2.26 19.35 4.10
O2 EDO GA . -3.07 19.12 2.97
C1 EDO HA . -27.03 23.41 -19.82
O1 EDO HA . -26.81 24.77 -19.45
C2 EDO HA . -25.76 22.85 -20.27
O2 EDO HA . -24.78 23.90 -20.29
#